data_4X8R
#
_entry.id   4X8R
#
_cell.length_a   116.800
_cell.length_b   116.800
_cell.length_c   111.937
_cell.angle_alpha   90.000
_cell.angle_beta   90.000
_cell.angle_gamma   90.000
#
_symmetry.space_group_name_H-M   'P 42 21 2'
#
loop_
_entity.id
_entity.type
_entity.pdbx_description
1 polymer 'TRAP dicarboxylate transporter, DctP subunit'
2 non-polymer 'beta-D-glucopyranuronic acid'
3 non-polymer 'PHOSPHATE ION'
4 water water
#
_entity_poly.entity_id   1
_entity_poly.type   'polypeptide(L)'
_entity_poly.pdbx_seq_one_letter_code
;(MSE)HHHHHHSSGVDLGTENLYFQS(MSE)ECEVTLRSSDTHPDGYPTVEGVKF(MSE)AERAKELSNGRICIEVFPSS
QLGEEKDTIEQTQFGVID(MSE)VRASFGSFNDIVPEAQLLSLPYLFRSEEHLHNV(MSE)DGPIGDELAKAFEAKDLIA
VAYYDGGSRSFYNSQKPITKVEDLKG(MSE)KFRV(MSE)QSDVFVD(MSE)(MSE)SALGANATP(MSE)PYGEVYSSI
QTGVIDGAENNWPSYDSSGHFEVAKYYTLDQHL(MSE)VPELVAISKIKWDALSPEDQQVLRQAAEESEPVQRKLWAEQE
KASEEKVVASGAEVVREIDKTPFIEA(MSE)APVYEKYVTKSEYQDLVKRIQETQ
;
_entity_poly.pdbx_strand_id   A,B
#
loop_
_chem_comp.id
_chem_comp.type
_chem_comp.name
_chem_comp.formula
BDP D-saccharide, beta linking 'beta-D-glucopyranuronic acid' 'C6 H10 O7'
PO4 non-polymer 'PHOSPHATE ION' 'O4 P -3'
#
# COMPACT_ATOMS: atom_id res chain seq x y z
N GLU A 24 -32.56 -15.01 4.43
CA GLU A 24 -32.06 -13.67 4.60
C GLU A 24 -30.57 -13.54 4.27
N CYS A 25 -30.15 -12.35 3.87
CA CYS A 25 -28.76 -12.06 3.53
C CYS A 25 -28.14 -13.05 2.57
N GLU A 26 -28.90 -13.38 1.54
CA GLU A 26 -28.43 -14.28 0.50
C GLU A 26 -27.31 -13.61 -0.30
N VAL A 27 -27.36 -12.29 -0.37
CA VAL A 27 -26.33 -11.49 -1.01
C VAL A 27 -25.67 -10.66 0.06
N THR A 28 -24.43 -11.00 0.40
CA THR A 28 -23.68 -10.25 1.40
C THR A 28 -22.54 -9.49 0.71
N LEU A 29 -22.32 -8.25 1.14
CA LEU A 29 -21.26 -7.40 0.62
C LEU A 29 -20.49 -6.82 1.80
N ARG A 30 -19.18 -7.03 1.80
CA ARG A 30 -18.31 -6.42 2.80
C ARG A 30 -17.87 -5.08 2.25
N SER A 31 -18.07 -4.02 3.03
CA SER A 31 -17.72 -2.65 2.66
C SER A 31 -16.69 -2.08 3.61
N SER A 32 -15.66 -1.46 3.04
CA SER A 32 -14.51 -0.96 3.81
C SER A 32 -14.51 0.57 3.90
N ASP A 33 -14.17 1.08 5.06
CA ASP A 33 -13.86 2.48 5.21
C ASP A 33 -12.68 2.66 6.18
N THR A 34 -11.82 3.63 5.90
CA THR A 34 -10.68 3.93 6.77
C THR A 34 -11.16 4.66 8.05
N HIS A 35 -12.32 5.29 8.01
CA HIS A 35 -12.75 6.12 9.12
C HIS A 35 -13.47 5.29 10.18
N PRO A 36 -13.57 5.82 11.42
CA PRO A 36 -14.30 5.12 12.48
C PRO A 36 -15.82 5.15 12.36
N ASP A 37 -16.47 4.28 13.14
CA ASP A 37 -17.92 4.34 13.29
C ASP A 37 -18.33 5.71 13.77
N GLY A 38 -19.48 6.18 13.32
CA GLY A 38 -19.89 7.55 13.60
C GLY A 38 -19.47 8.63 12.61
N TYR A 39 -18.41 8.38 11.84
CA TYR A 39 -17.96 9.35 10.85
C TYR A 39 -18.97 9.41 9.69
N PRO A 40 -19.15 10.60 9.06
CA PRO A 40 -20.23 10.74 8.04
C PRO A 40 -20.23 9.72 6.86
N THR A 41 -19.05 9.38 6.36
CA THR A 41 -18.98 8.39 5.27
C THR A 41 -19.41 6.99 5.73
N VAL A 42 -19.12 6.65 6.97
CA VAL A 42 -19.51 5.35 7.52
C VAL A 42 -21.01 5.33 7.78
N GLU A 43 -21.53 6.41 8.37
CA GLU A 43 -22.97 6.52 8.59
C GLU A 43 -23.71 6.50 7.26
N GLY A 44 -23.12 7.11 6.23
CA GLY A 44 -23.71 7.10 4.92
C GLY A 44 -23.87 5.69 4.40
N VAL A 45 -22.83 4.87 4.49
CA VAL A 45 -22.93 3.55 3.91
C VAL A 45 -23.83 2.68 4.79
N LYS A 46 -23.85 2.95 6.08
CA LYS A 46 -24.74 2.20 6.97
C LYS A 46 -26.19 2.50 6.60
N PHE A 47 -26.48 3.73 6.23
CA PHE A 47 -27.83 4.07 5.77
C PHE A 47 -28.14 3.36 4.44
N MSE A 48 -27.17 3.38 3.53
CA MSE A 48 -27.30 2.63 2.29
C MSE A 48 -27.60 1.15 2.55
O MSE A 48 -28.48 0.54 1.90
CB MSE A 48 -26.01 2.77 1.47
CG MSE A 48 -26.05 1.95 0.20
SE MSE A 48 -24.28 2.09 -0.69
CE MSE A 48 -24.50 0.68 -2.09
H MSE A 48 -26.43 3.81 3.61
HA MSE A 48 -28.03 3.02 1.77
N ALA A 49 -26.92 0.58 3.53
CA ALA A 49 -27.12 -0.82 3.90
C ALA A 49 -28.53 -1.07 4.45
N GLU A 50 -29.02 -0.20 5.34
CA GLU A 50 -30.38 -0.35 5.86
C GLU A 50 -31.38 -0.29 4.73
N ARG A 51 -31.19 0.67 3.82
CA ARG A 51 -32.14 0.80 2.72
C ARG A 51 -32.06 -0.36 1.75
N ALA A 52 -30.87 -0.84 1.44
CA ALA A 52 -30.75 -1.93 0.47
C ALA A 52 -31.39 -3.18 1.03
N LYS A 53 -31.29 -3.35 2.34
CA LYS A 53 -31.91 -4.50 3.00
C LYS A 53 -33.43 -4.38 3.00
N GLU A 54 -33.94 -3.20 3.31
CA GLU A 54 -35.38 -2.96 3.28
C GLU A 54 -35.94 -3.18 1.87
N LEU A 55 -35.31 -2.53 0.89
CA LEU A 55 -35.77 -2.60 -0.49
C LEU A 55 -35.66 -3.97 -1.12
N SER A 56 -34.77 -4.82 -0.61
CA SER A 56 -34.60 -6.17 -1.17
C SER A 56 -35.33 -7.22 -0.34
N ASN A 57 -36.16 -6.76 0.61
CA ASN A 57 -36.86 -7.62 1.57
C ASN A 57 -35.94 -8.57 2.33
N GLY A 58 -34.78 -8.07 2.73
CA GLY A 58 -33.85 -8.80 3.58
C GLY A 58 -32.80 -9.59 2.83
N ARG A 59 -32.86 -9.56 1.49
CA ARG A 59 -31.95 -10.36 0.67
C ARG A 59 -30.52 -9.83 0.67
N ILE A 60 -30.39 -8.51 0.50
CA ILE A 60 -29.08 -7.86 0.32
C ILE A 60 -28.61 -7.30 1.64
N CYS A 61 -27.45 -7.78 2.10
CA CYS A 61 -26.90 -7.38 3.40
C CYS A 61 -25.48 -6.82 3.30
N ILE A 62 -25.38 -5.51 3.36
CA ILE A 62 -24.08 -4.83 3.38
C ILE A 62 -23.54 -4.78 4.81
N GLU A 63 -22.30 -5.23 5.01
CA GLU A 63 -21.65 -5.15 6.32
C GLU A 63 -20.49 -4.18 6.22
N VAL A 64 -20.48 -3.15 7.05
CA VAL A 64 -19.44 -2.16 7.02
C VAL A 64 -18.32 -2.50 7.97
N PHE A 65 -17.11 -2.42 7.44
CA PHE A 65 -15.89 -2.63 8.18
C PHE A 65 -15.12 -1.31 8.30
N PRO A 66 -15.39 -0.56 9.36
CA PRO A 66 -14.70 0.71 9.57
C PRO A 66 -13.31 0.59 10.15
N SER A 67 -12.72 1.76 10.34
CA SER A 67 -11.41 1.90 10.96
C SER A 67 -10.29 1.09 10.31
N SER A 68 -10.38 0.87 9.01
CA SER A 68 -9.31 0.24 8.24
C SER A 68 -9.08 -1.19 8.74
N GLN A 69 -10.14 -1.81 9.26
CA GLN A 69 -10.09 -3.21 9.68
C GLN A 69 -9.59 -4.12 8.58
N LEU A 70 -10.02 -3.85 7.35
CA LEU A 70 -9.63 -4.70 6.23
C LEU A 70 -8.36 -4.23 5.52
N GLY A 71 -7.71 -3.21 6.04
CA GLY A 71 -6.53 -2.63 5.42
C GLY A 71 -6.61 -1.12 5.28
N GLU A 72 -5.47 -0.50 4.98
CA GLU A 72 -5.44 0.94 4.67
C GLU A 72 -6.08 1.15 3.31
N GLU A 73 -6.42 2.40 2.99
CA GLU A 73 -7.39 2.68 1.94
C GLU A 73 -6.92 2.23 0.54
N LYS A 74 -5.69 2.55 0.16
CA LYS A 74 -5.20 2.17 -1.18
C LYS A 74 -5.21 0.67 -1.35
N ASP A 75 -4.69 -0.03 -0.36
CA ASP A 75 -4.77 -1.48 -0.33
C ASP A 75 -6.24 -2.00 -0.49
N THR A 76 -7.21 -1.40 0.19
CA THR A 76 -8.61 -1.87 0.03
C THR A 76 -9.14 -1.58 -1.36
N ILE A 77 -8.68 -0.49 -1.99
CA ILE A 77 -9.11 -0.20 -3.36
C ILE A 77 -8.68 -1.33 -4.30
N GLU A 78 -7.41 -1.73 -4.17
CA GLU A 78 -6.88 -2.83 -4.97
C GLU A 78 -7.61 -4.15 -4.68
N GLN A 79 -7.90 -4.44 -3.41
CA GLN A 79 -8.64 -5.65 -3.07
C GLN A 79 -10.07 -5.60 -3.60
N THR A 80 -10.64 -4.41 -3.71
CA THR A 80 -11.98 -4.29 -4.27
C THR A 80 -11.95 -4.55 -5.78
N GLN A 81 -10.92 -4.06 -6.45
CA GLN A 81 -10.76 -4.31 -7.88
C GLN A 81 -10.67 -5.83 -8.14
N PHE A 82 -10.02 -6.56 -7.23
CA PHE A 82 -9.89 -8.02 -7.35
C PHE A 82 -11.09 -8.80 -6.82
N GLY A 83 -12.07 -8.11 -6.26
CA GLY A 83 -13.27 -8.77 -5.78
C GLY A 83 -13.16 -9.41 -4.42
N VAL A 84 -12.06 -9.15 -3.73
CA VAL A 84 -11.84 -9.70 -2.42
C VAL A 84 -12.64 -8.94 -1.36
N ILE A 85 -12.71 -7.62 -1.57
CA ILE A 85 -13.60 -6.75 -0.80
C ILE A 85 -14.71 -6.35 -1.78
N ASP A 86 -15.97 -6.30 -1.34
CA ASP A 86 -17.04 -6.07 -2.31
C ASP A 86 -17.24 -4.59 -2.64
N MSE A 87 -17.04 -3.75 -1.64
CA MSE A 87 -17.32 -2.33 -1.77
C MSE A 87 -16.35 -1.50 -0.95
O MSE A 87 -15.89 -1.93 0.10
CB MSE A 87 -18.79 -2.06 -1.31
CG MSE A 87 -19.26 -0.63 -1.49
SE MSE A 87 -21.17 -0.60 -0.88
CE MSE A 87 -21.46 -2.46 -0.92
H MSE A 87 -16.73 -3.98 -0.87
HA MSE A 87 -17.25 -2.08 -2.71
N VAL A 88 -16.06 -0.28 -1.39
CA VAL A 88 -15.18 0.61 -0.64
C VAL A 88 -15.65 2.05 -0.77
N ARG A 89 -15.51 2.78 0.33
CA ARG A 89 -15.71 4.24 0.33
C ARG A 89 -14.32 4.85 0.36
N ALA A 90 -13.96 5.61 -0.66
CA ALA A 90 -12.58 6.07 -0.79
C ALA A 90 -12.46 7.46 -1.36
N SER A 91 -11.37 8.14 -1.01
CA SER A 91 -11.00 9.39 -1.64
C SER A 91 -10.41 9.16 -3.02
N PHE A 92 -10.73 10.06 -3.95
CA PHE A 92 -10.04 10.08 -5.25
C PHE A 92 -8.54 10.13 -5.08
N GLY A 93 -8.07 10.76 -4.00
CA GLY A 93 -6.64 10.93 -3.79
C GLY A 93 -5.87 9.66 -3.50
N SER A 94 -6.57 8.59 -3.15
CA SER A 94 -5.87 7.35 -2.79
C SER A 94 -5.57 6.48 -4.03
N PHE A 95 -6.03 6.92 -5.19
CA PHE A 95 -6.00 6.08 -6.41
C PHE A 95 -4.70 6.21 -7.17
N ASN A 96 -4.02 7.32 -6.99
CA ASN A 96 -2.88 7.70 -7.81
C ASN A 96 -3.15 7.46 -9.29
N ASP A 97 -2.41 6.52 -9.86
CA ASP A 97 -2.48 6.27 -11.30
C ASP A 97 -3.52 5.25 -11.69
N ILE A 98 -4.15 4.65 -10.69
CA ILE A 98 -5.02 3.51 -10.91
C ILE A 98 -6.18 3.98 -11.81
N VAL A 99 -6.75 5.14 -11.50
CA VAL A 99 -7.75 5.82 -12.34
C VAL A 99 -7.26 7.22 -12.64
N PRO A 100 -6.66 7.43 -13.82
CA PRO A 100 -6.00 8.72 -14.06
C PRO A 100 -6.86 9.97 -13.95
N GLU A 101 -8.14 9.90 -14.34
CA GLU A 101 -9.01 11.07 -14.19
C GLU A 101 -9.36 11.36 -12.71
N ALA A 102 -9.24 10.36 -11.86
CA ALA A 102 -9.43 10.58 -10.43
C ALA A 102 -8.31 11.47 -9.88
N GLN A 103 -7.11 11.30 -10.42
CA GLN A 103 -5.97 12.10 -10.01
C GLN A 103 -6.10 13.52 -10.55
N LEU A 104 -6.57 13.61 -11.77
CA LEU A 104 -6.88 14.89 -12.37
C LEU A 104 -7.85 15.71 -11.54
N LEU A 105 -8.89 15.07 -11.02
CA LEU A 105 -9.85 15.81 -10.20
C LEU A 105 -9.35 16.05 -8.76
N SER A 106 -8.12 15.65 -8.47
CA SER A 106 -7.48 15.95 -7.19
C SER A 106 -6.49 17.12 -7.33
N LEU A 107 -6.55 17.85 -8.43
CA LEU A 107 -5.65 19.00 -8.56
C LEU A 107 -5.96 20.08 -7.55
N PRO A 108 -4.94 20.76 -7.06
CA PRO A 108 -5.18 21.81 -6.07
C PRO A 108 -5.92 23.00 -6.66
N TYR A 109 -6.78 23.59 -5.85
CA TYR A 109 -7.59 24.77 -6.20
C TYR A 109 -8.37 24.59 -7.50
N LEU A 110 -8.78 23.35 -7.77
CA LEU A 110 -9.65 23.05 -8.91
C LEU A 110 -11.12 23.44 -8.68
N PHE A 111 -11.62 23.19 -7.48
CA PHE A 111 -13.00 23.52 -7.16
C PHE A 111 -13.08 24.75 -6.27
N ARG A 112 -14.10 25.57 -6.48
CA ARG A 112 -14.27 26.83 -5.76
C ARG A 112 -14.94 26.63 -4.40
N SER A 113 -15.78 25.62 -4.31
CA SER A 113 -16.61 25.40 -3.13
C SER A 113 -17.24 24.02 -3.17
N GLU A 114 -17.85 23.62 -2.06
CA GLU A 114 -18.62 22.38 -2.02
C GLU A 114 -19.82 22.42 -3.00
N GLU A 115 -20.46 23.57 -3.16
CA GLU A 115 -21.55 23.68 -4.14
C GLU A 115 -21.09 23.45 -5.55
N HIS A 116 -19.96 24.06 -5.90
CA HIS A 116 -19.35 23.88 -7.22
C HIS A 116 -19.07 22.42 -7.47
N LEU A 117 -18.45 21.77 -6.49
CA LEU A 117 -18.11 20.37 -6.64
C LEU A 117 -19.39 19.53 -6.77
N HIS A 118 -20.43 19.83 -5.98
CA HIS A 118 -21.70 19.10 -6.12
C HIS A 118 -22.20 19.18 -7.56
N ASN A 119 -22.21 20.39 -8.13
CA ASN A 119 -22.77 20.58 -9.45
C ASN A 119 -21.94 19.85 -10.50
N VAL A 120 -20.64 19.79 -10.29
CA VAL A 120 -19.79 19.02 -11.20
C VAL A 120 -20.10 17.52 -11.11
N MSE A 121 -20.09 16.97 -9.90
CA MSE A 121 -20.18 15.53 -9.74
C MSE A 121 -21.60 15.05 -10.06
O MSE A 121 -21.79 13.90 -10.46
CB MSE A 121 -19.78 15.10 -8.33
CG MSE A 121 -18.32 15.47 -7.94
SE MSE A 121 -17.00 14.90 -9.31
CE MSE A 121 -17.23 12.91 -9.17
H MSE A 121 -20.03 17.42 -9.16
HA MSE A 121 -19.57 15.11 -10.37
N ASP A 122 -22.60 15.91 -9.83
CA ASP A 122 -24.00 15.56 -10.07
C ASP A 122 -24.37 15.59 -11.55
N GLY A 123 -23.58 16.28 -12.37
CA GLY A 123 -23.84 16.40 -13.79
C GLY A 123 -23.06 15.41 -14.65
N PRO A 124 -22.94 15.72 -15.95
CA PRO A 124 -22.28 14.77 -16.85
C PRO A 124 -20.82 14.45 -16.54
N ILE A 125 -20.10 15.36 -15.89
CA ILE A 125 -18.71 15.07 -15.55
C ILE A 125 -18.64 13.91 -14.54
N GLY A 126 -19.61 13.84 -13.64
CA GLY A 126 -19.76 12.71 -12.74
C GLY A 126 -19.96 11.40 -13.47
N ASP A 127 -20.74 11.43 -14.55
CA ASP A 127 -20.94 10.25 -15.42
C ASP A 127 -19.69 9.87 -16.18
N GLU A 128 -18.94 10.87 -16.63
CA GLU A 128 -17.66 10.61 -17.27
C GLU A 128 -16.69 9.92 -16.30
N LEU A 129 -16.64 10.40 -15.06
CA LEU A 129 -15.73 9.79 -14.10
C LEU A 129 -16.20 8.36 -13.81
N ALA A 130 -17.51 8.14 -13.77
CA ALA A 130 -18.04 6.81 -13.50
C ALA A 130 -17.53 5.83 -14.56
N LYS A 131 -17.48 6.29 -15.82
CA LYS A 131 -16.98 5.46 -16.88
C LYS A 131 -15.49 5.14 -16.67
N ALA A 132 -14.75 6.12 -16.16
CA ALA A 132 -13.32 5.94 -15.88
C ALA A 132 -13.10 4.89 -14.81
N PHE A 133 -13.95 4.88 -13.79
CA PHE A 133 -13.83 3.87 -12.73
C PHE A 133 -14.22 2.49 -13.27
N GLU A 134 -15.23 2.44 -14.11
CA GLU A 134 -15.69 1.14 -14.62
C GLU A 134 -14.63 0.44 -15.46
N ALA A 135 -13.87 1.22 -16.21
CA ALA A 135 -12.74 0.72 -16.98
C ALA A 135 -11.66 0.10 -16.12
N LYS A 136 -11.62 0.48 -14.84
CA LYS A 136 -10.71 -0.14 -13.88
C LYS A 136 -11.41 -1.01 -12.86
N ASP A 137 -12.54 -1.61 -13.26
CA ASP A 137 -13.20 -2.67 -12.45
C ASP A 137 -13.88 -2.22 -11.15
N LEU A 138 -14.33 -0.97 -11.18
CA LEU A 138 -15.04 -0.36 -10.07
C LEU A 138 -16.30 0.30 -10.57
N ILE A 139 -17.40 0.00 -9.89
CA ILE A 139 -18.69 0.62 -10.21
C ILE A 139 -19.03 1.72 -9.19
N ALA A 140 -18.97 2.97 -9.64
CA ALA A 140 -19.24 4.12 -8.80
C ALA A 140 -20.75 4.26 -8.62
N VAL A 141 -21.23 4.20 -7.39
CA VAL A 141 -22.67 4.26 -7.14
C VAL A 141 -23.07 5.50 -6.36
N ALA A 142 -22.11 6.18 -5.77
CA ALA A 142 -22.38 7.44 -5.09
C ALA A 142 -21.12 8.28 -4.98
N TYR A 143 -21.29 9.59 -4.95
CA TYR A 143 -20.19 10.51 -4.62
C TYR A 143 -20.50 11.16 -3.29
N TYR A 144 -19.52 11.10 -2.38
CA TYR A 144 -19.66 11.64 -1.03
C TYR A 144 -18.80 12.89 -0.85
N ASP A 145 -19.22 13.73 0.08
CA ASP A 145 -18.52 14.97 0.39
C ASP A 145 -17.34 14.79 1.32
N GLY A 146 -16.24 15.44 0.97
CA GLY A 146 -15.04 15.47 1.83
C GLY A 146 -14.51 16.86 2.11
N GLY A 147 -15.27 17.89 1.75
CA GLY A 147 -14.90 19.26 2.11
C GLY A 147 -13.55 19.67 1.53
N SER A 148 -12.87 20.63 2.18
CA SER A 148 -11.58 21.11 1.71
C SER A 148 -10.50 20.72 2.71
N ARG A 149 -9.30 20.55 2.19
CA ARG A 149 -8.14 20.18 2.99
C ARG A 149 -7.17 21.35 3.20
N SER A 150 -6.67 21.44 4.42
CA SER A 150 -5.76 22.51 4.85
C SER A 150 -4.59 21.99 5.67
N PHE A 151 -3.49 22.74 5.71
CA PHE A 151 -2.26 22.32 6.40
C PHE A 151 -2.32 22.43 7.91
N TYR A 152 -1.88 21.37 8.58
CA TYR A 152 -1.63 21.45 10.03
C TYR A 152 -0.26 20.89 10.35
N ASN A 153 0.35 21.42 11.41
CA ASN A 153 1.69 20.99 11.73
C ASN A 153 1.98 21.20 13.21
N SER A 154 3.12 20.68 13.64
CA SER A 154 3.51 20.70 15.05
C SER A 154 4.60 21.72 15.36
N GLN A 155 5.11 22.37 14.32
CA GLN A 155 6.31 23.22 14.46
C GLN A 155 6.00 24.72 14.63
N LYS A 156 5.23 25.29 13.72
CA LYS A 156 4.96 26.74 13.73
C LYS A 156 3.68 27.12 12.99
N PRO A 157 3.15 28.32 13.25
CA PRO A 157 2.03 28.79 12.43
C PRO A 157 2.50 29.01 11.01
N ILE A 158 1.63 28.68 10.06
CA ILE A 158 1.84 28.96 8.65
C ILE A 158 0.97 30.17 8.32
N THR A 159 1.60 31.31 8.07
CA THR A 159 0.84 32.55 7.81
C THR A 159 1.02 33.03 6.39
N LYS A 160 1.92 32.39 5.66
CA LYS A 160 2.25 32.77 4.29
C LYS A 160 2.96 31.58 3.66
N VAL A 161 2.96 31.50 2.33
CA VAL A 161 3.58 30.38 1.61
C VAL A 161 5.01 30.11 2.04
N GLU A 162 5.74 31.19 2.28
CA GLU A 162 7.15 31.08 2.58
C GLU A 162 7.38 30.26 3.83
N ASP A 163 6.37 30.20 4.71
CA ASP A 163 6.55 29.49 5.98
C ASP A 163 6.68 27.98 5.78
N LEU A 164 6.32 27.50 4.60
CA LEU A 164 6.31 26.06 4.32
C LEU A 164 7.70 25.58 3.88
N LYS A 165 8.59 26.51 3.60
CA LYS A 165 9.88 26.17 2.99
C LYS A 165 10.61 25.13 3.80
N GLY A 166 10.98 24.05 3.14
CA GLY A 166 11.81 23.02 3.75
C GLY A 166 11.07 22.07 4.67
N MSE A 167 9.78 22.30 4.91
CA MSE A 167 9.07 21.48 5.88
C MSE A 167 8.68 20.11 5.30
O MSE A 167 8.68 19.95 4.08
CB MSE A 167 7.83 22.22 6.37
CG MSE A 167 8.21 23.44 7.21
SE MSE A 167 6.60 24.23 8.04
CE MSE A 167 6.23 22.87 9.37
N LYS A 168 8.40 19.15 6.17
CA LYS A 168 8.04 17.80 5.78
C LYS A 168 6.58 17.53 6.09
N PHE A 169 5.79 17.38 5.03
CA PHE A 169 4.36 17.15 5.15
C PHE A 169 3.94 15.81 4.55
N ARG A 170 3.15 15.03 5.28
CA ARG A 170 2.53 13.86 4.67
C ARG A 170 1.46 14.29 3.70
N VAL A 171 1.39 13.56 2.59
CA VAL A 171 0.28 13.64 1.67
C VAL A 171 -0.27 12.25 1.37
N MSE A 172 -1.46 12.20 0.76
CA MSE A 172 -2.00 10.94 0.29
C MSE A 172 -1.11 10.37 -0.82
O MSE A 172 -0.32 11.09 -1.41
CB MSE A 172 -3.44 11.09 -0.24
CG MSE A 172 -4.40 11.44 0.93
SE MSE A 172 -6.25 11.35 0.24
CE MSE A 172 -6.27 13.11 -0.64
H MSE A 172 -1.97 12.87 0.62
HA MSE A 172 -2.02 10.31 1.02
N GLN A 173 -1.31 9.09 -1.10
CA GLN A 173 -0.42 8.36 -2.00
C GLN A 173 -0.75 8.57 -3.46
N SER A 174 -0.61 9.80 -3.92
N SER A 174 -0.52 9.78 -3.93
CA SER A 174 -0.76 10.14 -5.34
CA SER A 174 -0.72 10.12 -5.33
C SER A 174 0.39 11.07 -5.70
C SER A 174 0.34 11.13 -5.73
N ASP A 175 0.92 10.94 -6.91
CA ASP A 175 2.05 11.78 -7.35
C ASP A 175 1.68 13.26 -7.42
N VAL A 176 0.40 13.55 -7.65
CA VAL A 176 0.01 14.92 -7.84
C VAL A 176 0.27 15.70 -6.52
N PHE A 177 0.11 15.06 -5.38
CA PHE A 177 0.33 15.74 -4.10
C PHE A 177 1.81 15.94 -3.77
N VAL A 178 2.66 15.02 -4.21
CA VAL A 178 4.11 15.18 -4.06
C VAL A 178 4.56 16.44 -4.83
N ASP A 179 4.06 16.58 -6.04
CA ASP A 179 4.39 17.72 -6.87
C ASP A 179 3.83 19.02 -6.29
N MSE A 180 2.65 18.95 -5.67
CA MSE A 180 2.04 20.10 -5.02
C MSE A 180 2.93 20.61 -3.90
O MSE A 180 3.16 21.81 -3.75
CB MSE A 180 0.63 19.73 -4.47
CG MSE A 180 0.05 20.77 -3.53
SE MSE A 180 -1.68 20.05 -2.85
CE MSE A 180 -2.11 19.18 -4.56
H MSE A 180 2.18 18.23 -5.62
HA MSE A 180 1.92 20.80 -5.67
N MSE A 181 3.49 19.70 -3.10
CA MSE A 181 4.37 20.17 -2.03
C MSE A 181 5.67 20.77 -2.61
O MSE A 181 6.19 21.73 -2.08
CB MSE A 181 4.74 19.06 -1.06
CG MSE A 181 3.56 18.45 -0.33
SE MSE A 181 2.38 19.76 0.54
CE MSE A 181 3.65 20.76 1.65
H MSE A 181 3.39 18.85 -3.15
HA MSE A 181 3.92 20.86 -1.54
N SER A 182 6.22 20.18 -3.66
CA SER A 182 7.44 20.74 -4.25
C SER A 182 7.19 22.14 -4.76
N ALA A 183 6.00 22.37 -5.31
CA ALA A 183 5.65 23.68 -5.85
C ALA A 183 5.63 24.73 -4.73
N LEU A 184 5.37 24.29 -3.50
CA LEU A 184 5.31 25.18 -2.36
C LEU A 184 6.64 25.22 -1.63
N GLY A 185 7.64 24.52 -2.15
CA GLY A 185 8.97 24.59 -1.58
C GLY A 185 9.13 23.69 -0.40
N ALA A 186 8.25 22.70 -0.27
CA ALA A 186 8.28 21.80 0.88
C ALA A 186 8.57 20.39 0.40
N ASN A 187 8.64 19.46 1.34
CA ASN A 187 8.97 18.08 1.04
C ASN A 187 7.79 17.18 1.41
N ALA A 188 7.33 16.40 0.45
CA ALA A 188 6.16 15.55 0.65
C ALA A 188 6.62 14.20 1.05
N THR A 189 5.80 13.56 1.87
CA THR A 189 6.00 12.15 2.15
C THR A 189 4.67 11.35 2.09
N PRO A 190 4.42 10.69 0.95
CA PRO A 190 3.18 9.91 0.89
C PRO A 190 3.20 8.74 1.87
N MSE A 191 2.10 8.56 2.58
CA MSE A 191 1.95 7.42 3.45
C MSE A 191 0.47 7.23 3.75
O MSE A 191 -0.33 8.19 3.62
CB MSE A 191 2.74 7.59 4.76
CG MSE A 191 2.15 8.53 5.70
SE MSE A 191 3.18 8.72 7.37
CE MSE A 191 4.69 9.64 6.61
H MSE A 191 1.42 9.08 2.58
HA MSE A 191 2.27 6.63 3.00
N PRO A 192 0.08 6.00 4.12
CA PRO A 192 -1.29 5.68 4.50
C PRO A 192 -1.73 6.50 5.70
N TYR A 193 -3.01 6.79 5.72
CA TYR A 193 -3.65 7.69 6.70
C TYR A 193 -3.37 7.24 8.16
N GLY A 194 -3.40 5.94 8.39
CA GLY A 194 -3.28 5.36 9.71
C GLY A 194 -1.93 5.59 10.36
N GLU A 195 -0.91 5.89 9.56
CA GLU A 195 0.44 6.01 10.11
C GLU A 195 0.83 7.44 10.40
N VAL A 196 -0.02 8.38 10.03
CA VAL A 196 0.33 9.79 10.15
C VAL A 196 0.50 10.27 11.59
N TYR A 197 -0.39 9.86 12.47
CA TYR A 197 -0.35 10.28 13.88
C TYR A 197 1.00 10.02 14.53
N SER A 198 1.47 8.78 14.49
CA SER A 198 2.79 8.47 15.04
C SER A 198 3.93 9.21 14.36
N SER A 199 3.87 9.39 13.04
CA SER A 199 4.96 10.06 12.34
C SER A 199 5.04 11.53 12.81
N ILE A 200 3.88 12.17 13.02
CA ILE A 200 3.89 13.54 13.53
C ILE A 200 4.39 13.51 14.99
N GLN A 201 3.84 12.61 15.76
CA GLN A 201 4.16 12.53 17.20
C GLN A 201 5.65 12.34 17.49
N THR A 202 6.29 11.49 16.70
CA THR A 202 7.70 11.19 16.89
C THR A 202 8.59 12.15 16.12
N GLY A 203 8.01 13.09 15.38
CA GLY A 203 8.77 14.18 14.80
C GLY A 203 9.41 13.84 13.48
N VAL A 204 9.08 12.68 12.96
CA VAL A 204 9.57 12.27 11.66
C VAL A 204 9.08 13.16 10.53
N ILE A 205 7.82 13.59 10.60
CA ILE A 205 7.30 14.59 9.68
C ILE A 205 6.82 15.76 10.52
N ASP A 206 6.67 16.92 9.90
CA ASP A 206 6.21 18.12 10.60
C ASP A 206 4.69 18.22 10.66
N GLY A 207 3.99 17.65 9.69
CA GLY A 207 2.54 17.77 9.64
C GLY A 207 1.92 17.05 8.47
N ALA A 208 0.67 17.40 8.22
CA ALA A 208 -0.09 16.83 7.13
C ALA A 208 -1.19 17.80 6.75
N GLU A 209 -2.20 17.34 6.01
CA GLU A 209 -3.25 18.23 5.57
C GLU A 209 -4.56 17.46 5.38
N ASN A 210 -5.65 18.07 5.83
CA ASN A 210 -6.93 17.40 5.77
C ASN A 210 -8.07 18.33 6.18
N ASN A 211 -9.28 17.82 6.07
CA ASN A 211 -10.49 18.52 6.47
C ASN A 211 -10.67 18.49 7.99
N TRP A 212 -11.61 19.27 8.50
CA TRP A 212 -11.78 19.33 9.95
C TRP A 212 -12.17 17.97 10.55
N PRO A 213 -13.14 17.26 9.93
CA PRO A 213 -13.49 15.99 10.60
C PRO A 213 -12.35 14.96 10.64
N SER A 214 -11.44 14.96 9.68
CA SER A 214 -10.28 14.05 9.74
C SER A 214 -9.28 14.52 10.76
N TYR A 215 -9.02 15.81 10.79
CA TYR A 215 -8.06 16.41 11.70
C TYR A 215 -8.43 16.04 13.16
N ASP A 216 -9.73 16.08 13.41
CA ASP A 216 -10.38 15.68 14.68
C ASP A 216 -10.36 14.16 14.94
N SER A 217 -11.05 13.38 14.13
CA SER A 217 -11.25 11.97 14.44
C SER A 217 -9.96 11.15 14.39
N SER A 218 -8.99 11.57 13.60
CA SER A 218 -7.69 10.93 13.56
C SER A 218 -6.81 11.18 14.79
N GLY A 219 -7.15 12.18 15.58
CA GLY A 219 -6.30 12.59 16.66
C GLY A 219 -5.16 13.51 16.28
N HIS A 220 -5.02 13.87 14.99
CA HIS A 220 -3.86 14.65 14.60
C HIS A 220 -3.83 16.01 15.34
N PHE A 221 -5.01 16.54 15.68
CA PHE A 221 -5.07 17.82 16.41
C PHE A 221 -4.35 17.75 17.77
N GLU A 222 -4.18 16.54 18.31
CA GLU A 222 -3.49 16.35 19.60
C GLU A 222 -2.00 16.47 19.47
N VAL A 223 -1.48 16.20 18.28
CA VAL A 223 -0.05 16.28 18.06
C VAL A 223 0.40 17.35 17.06
N ALA A 224 -0.57 17.98 16.38
CA ALA A 224 -0.25 19.09 15.49
C ALA A 224 -1.25 20.22 15.69
N LYS A 225 -0.93 21.16 16.57
CA LYS A 225 -1.90 22.14 17.04
C LYS A 225 -2.07 23.33 16.14
N TYR A 226 -1.14 23.54 15.22
CA TYR A 226 -1.26 24.63 14.26
C TYR A 226 -2.03 24.21 13.01
N TYR A 227 -3.06 24.96 12.65
CA TYR A 227 -3.90 24.68 11.47
C TYR A 227 -4.12 25.97 10.69
N THR A 228 -3.85 25.96 9.39
CA THR A 228 -4.00 27.14 8.54
C THR A 228 -5.00 26.84 7.45
N LEU A 229 -6.05 27.64 7.39
CA LEU A 229 -7.12 27.43 6.42
C LEU A 229 -6.76 27.89 5.00
N ASP A 230 -5.78 27.23 4.39
CA ASP A 230 -5.42 27.55 3.01
C ASP A 230 -6.30 26.86 1.98
N GLN A 231 -6.98 25.79 2.40
CA GLN A 231 -7.99 25.08 1.58
C GLN A 231 -7.51 24.79 0.16
N HIS A 232 -6.32 24.19 0.07
CA HIS A 232 -5.64 23.92 -1.18
C HIS A 232 -6.21 22.79 -2.02
N LEU A 233 -7.04 21.94 -1.41
CA LEU A 233 -7.66 20.82 -2.09
C LEU A 233 -9.10 20.63 -1.70
N MSE A 234 -9.89 20.18 -2.66
CA MSE A 234 -11.20 19.55 -2.43
C MSE A 234 -11.19 18.29 -3.27
O MSE A 234 -11.38 18.32 -4.48
CB MSE A 234 -12.36 20.47 -2.83
CG MSE A 234 -12.33 21.77 -2.05
SE MSE A 234 -14.02 22.75 -2.48
CE MSE A 234 -15.19 21.23 -2.78
H MSE A 234 -9.70 20.23 -3.50
HA MSE A 234 -11.29 19.33 -1.49
N VAL A 235 -10.90 17.18 -2.62
CA VAL A 235 -10.75 15.91 -3.33
C VAL A 235 -12.08 15.16 -3.23
N PRO A 236 -12.69 14.84 -4.38
CA PRO A 236 -13.94 14.06 -4.38
C PRO A 236 -13.78 12.66 -3.78
N GLU A 237 -14.90 12.07 -3.41
CA GLU A 237 -14.91 10.75 -2.80
C GLU A 237 -16.04 9.94 -3.40
N LEU A 238 -15.92 8.62 -3.36
CA LEU A 238 -16.96 7.78 -3.93
C LEU A 238 -17.16 6.51 -3.12
N VAL A 239 -18.35 5.95 -3.31
CA VAL A 239 -18.66 4.58 -2.96
C VAL A 239 -18.61 3.78 -4.24
N ALA A 240 -17.75 2.76 -4.26
CA ALA A 240 -17.49 1.96 -5.44
C ALA A 240 -17.67 0.49 -5.14
N ILE A 241 -18.36 -0.21 -6.02
CA ILE A 241 -18.58 -1.62 -5.83
C ILE A 241 -17.65 -2.39 -6.77
N SER A 242 -17.05 -3.48 -6.29
CA SER A 242 -16.30 -4.39 -7.21
C SER A 242 -17.10 -4.77 -8.45
N LYS A 243 -16.58 -4.46 -9.65
CA LYS A 243 -17.25 -4.80 -10.89
C LYS A 243 -17.43 -6.29 -11.03
N ILE A 244 -16.46 -7.05 -10.55
CA ILE A 244 -16.59 -8.51 -10.50
C ILE A 244 -17.79 -8.96 -9.68
N LYS A 245 -17.97 -8.38 -8.51
CA LYS A 245 -19.11 -8.73 -7.68
C LYS A 245 -20.41 -8.22 -8.33
N TRP A 246 -20.36 -7.01 -8.87
CA TRP A 246 -21.54 -6.36 -9.46
C TRP A 246 -22.10 -7.14 -10.65
N ASP A 247 -21.19 -7.63 -11.48
CA ASP A 247 -21.56 -8.37 -12.68
C ASP A 247 -22.21 -9.70 -12.34
N ALA A 248 -21.92 -10.24 -11.16
CA ALA A 248 -22.51 -11.49 -10.74
C ALA A 248 -23.89 -11.28 -10.08
N LEU A 249 -24.36 -10.03 -10.01
CA LEU A 249 -25.64 -9.75 -9.38
C LEU A 249 -26.75 -9.71 -10.42
N SER A 250 -27.97 -9.97 -9.99
CA SER A 250 -29.11 -9.81 -10.88
C SER A 250 -29.37 -8.33 -11.15
N PRO A 251 -30.01 -8.03 -12.28
CA PRO A 251 -30.45 -6.65 -12.54
C PRO A 251 -31.30 -6.08 -11.41
N GLU A 252 -32.12 -6.91 -10.78
CA GLU A 252 -32.98 -6.47 -9.69
C GLU A 252 -32.13 -5.99 -8.49
N ASP A 253 -31.07 -6.74 -8.20
CA ASP A 253 -30.25 -6.44 -7.03
C ASP A 253 -29.37 -5.21 -7.34
N GLN A 254 -28.94 -5.10 -8.58
CA GLN A 254 -28.19 -3.92 -9.01
C GLN A 254 -29.03 -2.69 -8.85
N GLN A 255 -30.29 -2.79 -9.24
CA GLN A 255 -31.18 -1.65 -9.12
C GLN A 255 -31.36 -1.25 -7.65
N VAL A 256 -31.49 -2.22 -6.74
CA VAL A 256 -31.64 -1.90 -5.33
C VAL A 256 -30.41 -1.14 -4.81
N LEU A 257 -29.24 -1.68 -5.11
CA LEU A 257 -27.98 -1.06 -4.66
C LEU A 257 -27.82 0.38 -5.13
N ARG A 258 -28.08 0.61 -6.42
CA ARG A 258 -27.96 1.94 -6.97
C ARG A 258 -28.96 2.88 -6.29
N GLN A 259 -30.17 2.39 -6.05
CA GLN A 259 -31.18 3.22 -5.42
C GLN A 259 -30.75 3.57 -4.01
N ALA A 260 -30.30 2.56 -3.25
CA ALA A 260 -29.90 2.78 -1.87
C ALA A 260 -28.68 3.72 -1.80
N ALA A 261 -27.79 3.58 -2.77
CA ALA A 261 -26.59 4.41 -2.80
C ALA A 261 -26.98 5.87 -3.08
N GLU A 262 -27.82 6.08 -4.10
CA GLU A 262 -28.29 7.43 -4.42
C GLU A 262 -29.09 8.06 -3.28
N GLU A 263 -29.87 7.27 -2.57
CA GLU A 263 -30.56 7.80 -1.41
C GLU A 263 -29.61 8.26 -0.31
N SER A 264 -28.46 7.59 -0.16
CA SER A 264 -27.55 7.93 0.91
C SER A 264 -26.77 9.19 0.62
N GLU A 265 -26.73 9.63 -0.63
CA GLU A 265 -25.94 10.82 -0.95
C GLU A 265 -26.37 12.10 -0.23
N PRO A 266 -27.66 12.49 -0.32
CA PRO A 266 -28.05 13.75 0.36
C PRO A 266 -27.92 13.64 1.86
N VAL A 267 -28.13 12.43 2.33
CA VAL A 267 -27.97 12.13 3.75
C VAL A 267 -26.50 12.35 4.18
N GLN A 268 -25.58 11.75 3.43
CA GLN A 268 -24.17 11.91 3.76
C GLN A 268 -23.74 13.36 3.70
N ARG A 269 -24.25 14.09 2.71
CA ARG A 269 -23.92 15.52 2.59
C ARG A 269 -24.31 16.34 3.82
N LYS A 270 -25.48 16.06 4.37
CA LYS A 270 -25.92 16.74 5.57
C LYS A 270 -25.11 16.33 6.80
N LEU A 271 -24.89 15.03 6.96
CA LEU A 271 -24.02 14.55 8.04
C LEU A 271 -22.66 15.19 7.96
N TRP A 272 -22.16 15.39 6.74
CA TRP A 272 -20.85 15.98 6.55
C TRP A 272 -20.84 17.43 7.03
N ALA A 273 -21.86 18.17 6.61
CA ALA A 273 -21.95 19.58 6.98
C ALA A 273 -21.99 19.76 8.50
N GLU A 274 -22.75 18.91 9.18
CA GLU A 274 -22.81 18.98 10.64
C GLU A 274 -21.48 18.66 11.32
N GLN A 275 -20.78 17.66 10.81
CA GLN A 275 -19.51 17.25 11.38
C GLN A 275 -18.38 18.26 11.12
N GLU A 276 -18.39 18.91 9.96
CA GLU A 276 -17.46 20.03 9.72
C GLU A 276 -17.52 21.04 10.88
N LYS A 277 -18.75 21.42 11.23
CA LYS A 277 -18.98 22.39 12.30
C LYS A 277 -18.56 21.86 13.66
N ALA A 278 -19.06 20.66 14.02
CA ALA A 278 -18.72 20.07 15.29
C ALA A 278 -17.23 19.83 15.47
N SER A 279 -16.52 19.37 14.44
CA SER A 279 -15.11 19.07 14.60
C SER A 279 -14.28 20.34 14.74
N GLU A 280 -14.66 21.39 14.02
CA GLU A 280 -13.93 22.63 14.13
C GLU A 280 -14.07 23.13 15.57
N GLU A 281 -15.30 23.08 16.07
CA GLU A 281 -15.59 23.56 17.44
C GLU A 281 -14.79 22.77 18.44
N LYS A 282 -14.84 21.45 18.28
CA LYS A 282 -14.11 20.53 19.14
C LYS A 282 -12.63 20.84 19.19
N VAL A 283 -11.95 20.98 18.04
CA VAL A 283 -10.51 21.10 18.09
C VAL A 283 -10.11 22.48 18.56
N VAL A 284 -10.93 23.48 18.27
CA VAL A 284 -10.63 24.82 18.74
C VAL A 284 -10.80 24.82 20.27
N ALA A 285 -11.82 24.15 20.77
CA ALA A 285 -12.03 24.04 22.23
C ALA A 285 -10.85 23.36 22.92
N SER A 286 -10.05 22.61 22.15
CA SER A 286 -8.95 21.81 22.68
C SER A 286 -7.62 22.54 22.60
N GLY A 287 -7.63 23.73 22.01
CA GLY A 287 -6.44 24.57 21.92
C GLY A 287 -5.84 24.67 20.53
N ALA A 288 -6.52 24.15 19.52
CA ALA A 288 -6.01 24.28 18.15
C ALA A 288 -5.81 25.77 17.84
N GLU A 289 -4.63 26.12 17.33
CA GLU A 289 -4.34 27.49 16.93
C GLU A 289 -4.55 27.64 15.42
N VAL A 290 -5.63 28.29 15.05
CA VAL A 290 -6.07 28.36 13.65
C VAL A 290 -5.74 29.69 13.02
N VAL A 291 -5.05 29.66 11.87
CA VAL A 291 -4.86 30.84 11.05
C VAL A 291 -5.95 30.97 9.98
N ARG A 292 -6.68 32.06 10.05
CA ARG A 292 -7.78 32.38 9.17
C ARG A 292 -7.41 33.56 8.31
N GLU A 293 -8.16 33.73 7.22
CA GLU A 293 -8.03 34.88 6.33
C GLU A 293 -6.69 34.91 5.62
N ILE A 294 -6.09 33.76 5.36
CA ILE A 294 -4.82 33.78 4.65
C ILE A 294 -5.08 34.18 3.20
N ASP A 295 -4.13 34.91 2.61
CA ASP A 295 -4.20 35.23 1.20
C ASP A 295 -3.82 33.99 0.38
N LYS A 296 -4.78 33.43 -0.35
CA LYS A 296 -4.53 32.20 -1.10
C LYS A 296 -3.84 32.44 -2.44
N THR A 297 -3.82 33.67 -2.90
CA THR A 297 -3.27 33.97 -4.24
C THR A 297 -1.87 33.38 -4.49
N PRO A 298 -0.91 33.56 -3.56
CA PRO A 298 0.40 32.95 -3.83
C PRO A 298 0.39 31.40 -3.80
N PHE A 299 -0.50 30.82 -3.02
CA PHE A 299 -0.65 29.37 -3.00
C PHE A 299 -1.18 28.91 -4.35
N ILE A 300 -2.14 29.66 -4.89
CA ILE A 300 -2.76 29.28 -6.14
C ILE A 300 -1.74 29.40 -7.27
N GLU A 301 -1.02 30.51 -7.28
CA GLU A 301 -0.06 30.79 -8.34
C GLU A 301 1.04 29.74 -8.38
N ALA A 302 1.46 29.30 -7.20
CA ALA A 302 2.51 28.30 -7.10
C ALA A 302 2.13 27.00 -7.80
N MSE A 303 0.85 26.74 -8.04
CA MSE A 303 0.43 25.44 -8.60
C MSE A 303 0.55 25.34 -10.11
O MSE A 303 0.26 24.29 -10.68
CB MSE A 303 -1.02 25.12 -8.20
CG MSE A 303 -1.26 25.08 -6.71
SE MSE A 303 0.04 23.91 -5.76
CE MSE A 303 -0.48 24.32 -3.89
H MSE A 303 0.19 27.29 -7.90
HA MSE A 303 0.99 24.76 -8.20
N ALA A 304 0.97 26.42 -10.77
CA ALA A 304 1.13 26.39 -12.23
C ALA A 304 1.87 25.16 -12.77
N PRO A 305 3.04 24.79 -12.21
CA PRO A 305 3.76 23.60 -12.69
C PRO A 305 3.02 22.29 -12.50
N VAL A 306 2.20 22.24 -11.46
CA VAL A 306 1.46 21.03 -11.17
C VAL A 306 0.42 20.83 -12.28
N TYR A 307 -0.31 21.89 -12.59
CA TYR A 307 -1.26 21.78 -13.68
C TYR A 307 -0.57 21.44 -15.00
N GLU A 308 0.56 22.09 -15.28
CA GLU A 308 1.32 21.79 -16.47
C GLU A 308 1.70 20.32 -16.54
N LYS A 309 2.02 19.70 -15.41
CA LYS A 309 2.48 18.32 -15.44
C LYS A 309 1.36 17.32 -15.63
N TYR A 310 0.18 17.59 -15.06
CA TYR A 310 -0.90 16.60 -15.05
C TYR A 310 -2.00 16.83 -16.08
N VAL A 311 -2.13 18.04 -16.62
CA VAL A 311 -3.14 18.30 -17.61
C VAL A 311 -2.47 18.08 -18.98
N THR A 312 -2.42 16.81 -19.38
CA THR A 312 -1.53 16.34 -20.45
C THR A 312 -2.15 16.17 -21.83
N LYS A 313 -3.41 16.55 -22.00
CA LYS A 313 -4.13 16.22 -23.23
C LYS A 313 -5.12 17.26 -23.65
N SER A 314 -5.91 16.83 -24.64
CA SER A 314 -7.22 17.37 -24.95
C SER A 314 -8.29 16.84 -23.97
N GLU A 315 -8.37 15.51 -23.80
CA GLU A 315 -9.38 14.90 -22.93
C GLU A 315 -9.34 15.46 -21.49
N TYR A 316 -8.14 15.74 -20.99
CA TYR A 316 -8.00 16.25 -19.63
C TYR A 316 -8.14 17.77 -19.62
N GLN A 317 -7.71 18.43 -20.70
CA GLN A 317 -7.77 19.90 -20.75
C GLN A 317 -9.21 20.41 -20.76
N ASP A 318 -10.03 19.70 -21.51
CA ASP A 318 -11.41 20.10 -21.71
C ASP A 318 -12.20 19.78 -20.46
N LEU A 319 -11.85 18.67 -19.83
CA LEU A 319 -12.40 18.30 -18.54
C LEU A 319 -12.19 19.41 -17.51
N VAL A 320 -10.94 19.87 -17.36
CA VAL A 320 -10.62 20.94 -16.44
C VAL A 320 -11.38 22.21 -16.80
N LYS A 321 -11.45 22.48 -18.10
CA LYS A 321 -12.17 23.64 -18.59
C LYS A 321 -13.67 23.62 -18.22
N ARG A 322 -14.35 22.53 -18.54
CA ARG A 322 -15.76 22.34 -18.19
C ARG A 322 -16.02 22.36 -16.67
N ILE A 323 -15.07 21.89 -15.87
CA ILE A 323 -15.19 22.04 -14.43
C ILE A 323 -15.20 23.53 -14.07
N GLN A 324 -14.23 24.28 -14.57
CA GLN A 324 -14.09 25.69 -14.17
C GLN A 324 -15.28 26.50 -14.67
N GLU A 325 -15.91 26.02 -15.76
CA GLU A 325 -17.09 26.67 -16.32
C GLU A 325 -18.39 26.33 -15.60
N THR A 326 -18.40 25.23 -14.86
CA THR A 326 -19.61 24.81 -14.16
C THR A 326 -19.92 25.78 -13.03
N GLN A 327 -21.17 26.23 -12.97
CA GLN A 327 -21.57 27.13 -11.89
C GLN A 327 -21.76 26.31 -10.60
N GLU B 24 26.93 10.50 21.33
CA GLU B 24 26.20 9.23 21.15
C GLU B 24 25.00 9.38 20.21
N CYS B 25 24.90 8.49 19.23
CA CYS B 25 23.72 8.40 18.37
C CYS B 25 23.42 9.69 17.60
N GLU B 26 24.48 10.41 17.22
CA GLU B 26 24.32 11.54 16.28
C GLU B 26 23.69 11.10 14.96
N VAL B 27 23.91 9.85 14.58
CA VAL B 27 23.30 9.30 13.38
C VAL B 27 22.34 8.21 13.81
N THR B 28 21.05 8.53 13.75
CA THR B 28 20.04 7.57 14.15
C THR B 28 19.29 7.12 12.91
N LEU B 29 19.09 5.81 12.80
CA LEU B 29 18.40 5.23 11.64
C LEU B 29 17.30 4.28 12.11
N ARG B 30 16.09 4.51 11.62
CA ARG B 30 14.95 3.62 11.89
C ARG B 30 14.89 2.59 10.79
N SER B 31 14.88 1.31 11.15
CA SER B 31 14.81 0.23 10.17
C SER B 31 13.54 -0.59 10.39
N SER B 32 12.86 -0.92 9.29
CA SER B 32 11.58 -1.61 9.36
C SER B 32 11.66 -3.06 8.93
N ASP B 33 10.86 -3.91 9.58
CA ASP B 33 10.70 -5.30 9.11
C ASP B 33 9.27 -5.71 9.40
N THR B 34 8.66 -6.44 8.48
CA THR B 34 7.34 -6.98 8.67
C THR B 34 7.33 -8.18 9.63
N HIS B 35 8.47 -8.84 9.82
CA HIS B 35 8.54 -10.00 10.71
C HIS B 35 8.74 -9.66 12.19
N PRO B 36 8.40 -10.61 13.06
CA PRO B 36 8.53 -10.37 14.50
C PRO B 36 9.95 -10.46 15.00
N ASP B 37 10.14 -9.91 16.20
CA ASP B 37 11.35 -10.14 16.95
C ASP B 37 11.70 -11.61 16.99
N GLY B 38 12.99 -11.90 16.85
CA GLY B 38 13.49 -13.26 16.84
C GLY B 38 13.54 -13.90 15.46
N TYR B 39 12.87 -13.30 14.48
CA TYR B 39 12.92 -13.83 13.11
C TYR B 39 14.32 -13.59 12.52
N PRO B 40 14.83 -14.49 11.65
CA PRO B 40 16.21 -14.37 11.17
C PRO B 40 16.57 -13.01 10.55
N THR B 41 15.64 -12.41 9.82
CA THR B 41 15.90 -11.11 9.19
C THR B 41 16.04 -9.99 10.22
N VAL B 42 15.28 -10.11 11.29
CA VAL B 42 15.32 -9.12 12.37
C VAL B 42 16.58 -9.29 13.18
N GLU B 43 16.96 -10.54 13.43
CA GLU B 43 18.24 -10.83 14.11
C GLU B 43 19.43 -10.34 13.29
N GLY B 44 19.34 -10.45 11.97
CA GLY B 44 20.38 -9.93 11.12
C GLY B 44 20.58 -8.45 11.29
N VAL B 45 19.49 -7.70 11.21
CA VAL B 45 19.62 -6.25 11.26
C VAL B 45 19.98 -5.83 12.69
N LYS B 46 19.55 -6.62 13.68
CA LYS B 46 19.99 -6.32 15.05
C LYS B 46 21.52 -6.49 15.22
N PHE B 47 22.10 -7.50 14.58
CA PHE B 47 23.56 -7.65 14.57
C PHE B 47 24.22 -6.50 13.80
N MSE B 48 23.65 -6.15 12.65
CA MSE B 48 24.13 -5.01 11.95
C MSE B 48 24.16 -3.77 12.84
O MSE B 48 25.14 -3.01 12.85
CB MSE B 48 23.25 -4.73 10.72
CG MSE B 48 23.73 -3.54 9.94
SE MSE B 48 22.45 -3.28 8.45
CE MSE B 48 23.08 -1.50 7.86
H MSE B 48 23.00 -6.57 12.27
HA MSE B 48 25.02 -5.19 11.63
N ALA B 49 23.10 -3.58 13.62
CA ALA B 49 23.01 -2.44 14.51
C ALA B 49 24.13 -2.44 15.57
N GLU B 50 24.37 -3.59 16.19
CA GLU B 50 25.45 -3.75 17.16
C GLU B 50 26.80 -3.45 16.54
N ARG B 51 27.07 -4.00 15.37
CA ARG B 51 28.36 -3.76 14.73
C ARG B 51 28.51 -2.31 14.28
N ALA B 52 27.45 -1.69 13.77
CA ALA B 52 27.55 -0.31 13.32
C ALA B 52 27.83 0.62 14.50
N LYS B 53 27.21 0.32 15.64
CA LYS B 53 27.44 1.13 16.84
C LYS B 53 28.87 1.00 17.36
N GLU B 54 29.35 -0.25 17.43
CA GLU B 54 30.73 -0.50 17.85
C GLU B 54 31.75 0.14 16.92
N LEU B 55 31.63 -0.15 15.63
CA LEU B 55 32.57 0.36 14.63
C LEU B 55 32.63 1.88 14.55
N SER B 56 31.53 2.53 14.89
CA SER B 56 31.49 3.99 14.79
C SER B 56 31.72 4.64 16.16
N ASN B 57 32.15 3.86 17.15
CA ASN B 57 32.34 4.36 18.51
C ASN B 57 31.13 5.05 19.06
N GLY B 58 29.95 4.55 18.71
CA GLY B 58 28.71 4.96 19.34
C GLY B 58 27.93 5.99 18.56
N ARG B 59 28.49 6.46 17.45
CA ARG B 59 27.88 7.50 16.64
C ARG B 59 26.61 7.04 15.88
N ILE B 60 26.65 5.83 15.31
CA ILE B 60 25.57 5.32 14.46
C ILE B 60 24.72 4.36 15.28
N CYS B 61 23.44 4.67 15.39
CA CYS B 61 22.49 3.91 16.19
C CYS B 61 21.28 3.51 15.34
N ILE B 62 21.28 2.27 14.89
CA ILE B 62 20.15 1.70 14.18
C ILE B 62 19.13 1.16 15.18
N GLU B 63 17.88 1.56 15.02
CA GLU B 63 16.75 1.06 15.80
C GLU B 63 15.83 0.23 14.92
N VAL B 64 15.56 -1.01 15.32
CA VAL B 64 14.74 -1.89 14.50
C VAL B 64 13.30 -1.87 14.96
N PHE B 65 12.40 -1.68 14.01
CA PHE B 65 10.95 -1.72 14.26
C PHE B 65 10.34 -2.91 13.55
N PRO B 66 10.26 -4.04 14.26
CA PRO B 66 9.68 -5.26 13.69
C PRO B 66 8.17 -5.26 13.68
N SER B 67 7.61 -6.36 13.20
CA SER B 67 6.18 -6.64 13.21
C SER B 67 5.34 -5.59 12.51
N SER B 68 5.90 -4.98 11.47
CA SER B 68 5.19 -4.01 10.66
C SER B 68 4.67 -2.81 11.48
N GLN B 69 5.35 -2.51 12.58
CA GLN B 69 4.99 -1.33 13.37
C GLN B 69 4.92 -0.05 12.57
N LEU B 70 5.81 0.12 11.61
CA LEU B 70 5.81 1.33 10.76
C LEU B 70 4.99 1.23 9.46
N GLY B 71 4.30 0.11 9.27
CA GLY B 71 3.45 -0.10 8.11
C GLY B 71 3.72 -1.46 7.49
N GLU B 72 2.88 -1.86 6.54
CA GLU B 72 3.10 -3.09 5.80
C GLU B 72 4.25 -2.87 4.83
N GLU B 73 4.82 -3.97 4.32
CA GLU B 73 6.12 -3.89 3.65
C GLU B 73 6.16 -2.95 2.44
N LYS B 74 5.22 -3.05 1.50
CA LYS B 74 5.31 -2.21 0.31
C LYS B 74 5.24 -0.73 0.69
N ASP B 75 4.34 -0.42 1.62
CA ASP B 75 4.28 0.91 2.17
C ASP B 75 5.63 1.34 2.78
N THR B 76 6.30 0.47 3.53
CA THR B 76 7.57 0.88 4.13
C THR B 76 8.66 1.06 3.06
N ILE B 77 8.57 0.35 1.95
CA ILE B 77 9.54 0.57 0.86
C ILE B 77 9.42 1.99 0.32
N GLU B 78 8.18 2.42 0.06
CA GLU B 78 7.91 3.77 -0.44
C GLU B 78 8.34 4.83 0.57
N GLN B 79 8.09 4.63 1.86
CA GLN B 79 8.53 5.58 2.86
C GLN B 79 10.08 5.66 2.95
N THR B 80 10.74 4.55 2.63
CA THR B 80 12.20 4.53 2.66
C THR B 80 12.71 5.31 1.44
N GLN B 81 12.09 5.13 0.27
CA GLN B 81 12.43 5.96 -0.89
C GLN B 81 12.32 7.46 -0.58
N PHE B 82 11.35 7.84 0.24
CA PHE B 82 11.18 9.27 0.53
C PHE B 82 11.96 9.71 1.75
N GLY B 83 12.66 8.78 2.38
CA GLY B 83 13.57 9.12 3.48
C GLY B 83 12.89 9.31 4.82
N VAL B 84 11.63 8.93 4.92
CA VAL B 84 10.89 8.97 6.18
C VAL B 84 11.20 7.76 7.07
N ILE B 85 11.43 6.63 6.44
CA ILE B 85 12.04 5.47 7.11
C ILE B 85 13.49 5.38 6.58
N ASP B 86 14.46 5.10 7.46
CA ASP B 86 15.86 5.16 7.00
C ASP B 86 16.33 3.89 6.30
N MSE B 87 15.79 2.75 6.70
CA MSE B 87 16.23 1.47 6.21
C MSE B 87 15.06 0.46 6.22
O MSE B 87 14.17 0.57 7.04
CB MSE B 87 17.39 0.98 7.12
CG MSE B 87 17.94 -0.35 6.81
SE MSE B 87 19.51 -0.58 8.02
CE MSE B 87 19.58 1.12 8.75
H MSE B 87 15.16 2.70 7.27
HA MSE B 87 16.57 1.56 5.30
N VAL B 88 15.08 -0.51 5.32
CA VAL B 88 14.03 -1.52 5.28
C VAL B 88 14.66 -2.87 4.86
N ARG B 89 14.17 -3.94 5.46
CA ARG B 89 14.50 -5.31 5.07
C ARG B 89 13.25 -5.81 4.38
N ALA B 90 13.35 -6.12 3.09
CA ALA B 90 12.17 -6.42 2.29
C ALA B 90 12.44 -7.53 1.27
N SER B 91 11.38 -8.21 0.87
CA SER B 91 11.42 -9.11 -0.25
C SER B 91 11.37 -8.38 -1.58
N PHE B 92 12.09 -8.92 -2.57
CA PHE B 92 12.00 -8.39 -3.94
C PHE B 92 10.56 -8.42 -4.40
N GLY B 93 9.77 -9.33 -3.85
CA GLY B 93 8.41 -9.57 -4.30
C GLY B 93 7.44 -8.45 -3.95
N SER B 94 7.86 -7.57 -3.05
CA SER B 94 7.00 -6.48 -2.59
C SER B 94 7.14 -5.23 -3.48
N PHE B 95 8.03 -5.27 -4.46
CA PHE B 95 8.40 -4.03 -5.19
C PHE B 95 7.52 -3.73 -6.40
N ASN B 96 7.01 -4.78 -7.04
CA ASN B 96 6.28 -4.65 -8.32
C ASN B 96 7.11 -3.81 -9.26
N ASP B 97 6.55 -2.73 -9.78
CA ASP B 97 7.27 -1.94 -10.76
C ASP B 97 8.12 -0.82 -10.13
N ILE B 98 8.12 -0.72 -8.80
CA ILE B 98 9.01 0.22 -8.10
C ILE B 98 10.46 0.03 -8.52
N VAL B 99 10.90 -1.23 -8.58
CA VAL B 99 12.22 -1.59 -9.14
C VAL B 99 11.99 -2.76 -10.10
N PRO B 100 11.92 -2.46 -11.41
CA PRO B 100 11.50 -3.50 -12.35
C PRO B 100 12.35 -4.74 -12.33
N GLU B 101 13.65 -4.60 -12.10
CA GLU B 101 14.52 -5.79 -12.02
C GLU B 101 14.28 -6.61 -10.78
N ALA B 102 13.71 -6.01 -9.74
CA ALA B 102 13.41 -6.83 -8.57
C ALA B 102 12.28 -7.78 -8.89
N GLN B 103 11.33 -7.29 -9.68
CA GLN B 103 10.23 -8.16 -10.11
C GLN B 103 10.73 -9.26 -11.03
N LEU B 104 11.67 -8.91 -11.92
CA LEU B 104 12.29 -9.88 -12.83
C LEU B 104 12.91 -11.05 -12.05
N LEU B 105 13.63 -10.74 -10.99
CA LEU B 105 14.24 -11.82 -10.20
C LEU B 105 13.26 -12.49 -9.25
N SER B 106 11.98 -12.12 -9.37
CA SER B 106 10.91 -12.84 -8.67
C SER B 106 10.17 -13.81 -9.60
N LEU B 107 10.72 -14.05 -10.80
CA LEU B 107 10.08 -15.02 -11.71
C LEU B 107 10.09 -16.45 -11.16
N PRO B 108 9.02 -17.21 -11.42
CA PRO B 108 8.98 -18.54 -10.82
C PRO B 108 9.97 -19.51 -11.43
N TYR B 109 10.49 -20.39 -10.59
CA TYR B 109 11.49 -21.36 -11.00
C TYR B 109 12.71 -20.76 -11.68
N LEU B 110 13.03 -19.50 -11.39
CA LEU B 110 14.24 -18.87 -11.92
C LEU B 110 15.54 -19.43 -11.28
N PHE B 111 15.52 -19.69 -9.97
CA PHE B 111 16.68 -20.19 -9.22
C PHE B 111 16.51 -21.67 -8.90
N ARG B 112 17.60 -22.41 -8.93
CA ARG B 112 17.56 -23.85 -8.69
C ARG B 112 17.65 -24.24 -7.20
N SER B 113 18.26 -23.38 -6.38
CA SER B 113 18.60 -23.73 -5.02
C SER B 113 19.11 -22.50 -4.30
N GLU B 114 19.20 -22.59 -2.97
CA GLU B 114 19.72 -21.50 -2.18
C GLU B 114 21.19 -21.23 -2.53
N GLU B 115 21.93 -22.29 -2.85
CA GLU B 115 23.34 -22.10 -3.26
C GLU B 115 23.44 -21.33 -4.58
N HIS B 116 22.60 -21.70 -5.54
CA HIS B 116 22.53 -20.98 -6.80
C HIS B 116 22.24 -19.48 -6.56
N LEU B 117 21.15 -19.20 -5.85
CA LEU B 117 20.83 -17.82 -5.48
C LEU B 117 21.96 -17.12 -4.77
N HIS B 118 22.61 -17.78 -3.80
CA HIS B 118 23.78 -17.18 -3.14
C HIS B 118 24.84 -16.77 -4.14
N ASN B 119 25.18 -17.67 -5.05
CA ASN B 119 26.24 -17.40 -6.03
C ASN B 119 25.85 -16.24 -6.95
N VAL B 120 24.58 -16.21 -7.32
CA VAL B 120 24.12 -15.11 -8.12
C VAL B 120 24.21 -13.79 -7.35
N MSE B 121 23.62 -13.73 -6.17
CA MSE B 121 23.50 -12.45 -5.47
C MSE B 121 24.85 -11.96 -4.91
O MSE B 121 25.06 -10.75 -4.73
CB MSE B 121 22.50 -12.54 -4.33
CG MSE B 121 21.09 -12.95 -4.79
SE MSE B 121 20.39 -11.81 -6.27
CE MSE B 121 20.63 -10.02 -5.50
H MSE B 121 23.28 -14.41 -5.75
HA MSE B 121 23.18 -11.78 -6.09
N ASP B 122 25.76 -12.89 -4.64
CA ASP B 122 27.08 -12.54 -4.08
C ASP B 122 28.08 -12.12 -5.15
N GLY B 123 27.75 -12.36 -6.40
CA GLY B 123 28.62 -12.03 -7.52
C GLY B 123 28.23 -10.76 -8.23
N PRO B 124 28.67 -10.61 -9.49
CA PRO B 124 28.43 -9.43 -10.34
C PRO B 124 26.96 -9.06 -10.52
N ILE B 125 26.12 -10.07 -10.56
CA ILE B 125 24.69 -9.84 -10.75
C ILE B 125 24.13 -9.05 -9.56
N GLY B 126 24.58 -9.37 -8.35
CA GLY B 126 24.18 -8.63 -7.17
C GLY B 126 24.53 -7.15 -7.27
N ASP B 127 25.69 -6.85 -7.86
CA ASP B 127 26.08 -5.46 -8.04
C ASP B 127 25.24 -4.79 -9.13
N GLU B 128 24.84 -5.55 -10.13
CA GLU B 128 23.94 -5.00 -11.14
C GLU B 128 22.58 -4.66 -10.53
N LEU B 129 22.04 -5.55 -9.71
CA LEU B 129 20.77 -5.26 -9.04
C LEU B 129 20.90 -4.02 -8.15
N ALA B 130 22.05 -3.89 -7.49
CA ALA B 130 22.26 -2.75 -6.62
C ALA B 130 22.15 -1.45 -7.40
N LYS B 131 22.61 -1.44 -8.64
CA LYS B 131 22.49 -0.24 -9.45
C LYS B 131 21.02 0.05 -9.77
N ALA B 132 20.24 -1.00 -10.05
CA ALA B 132 18.81 -0.84 -10.25
C ALA B 132 18.12 -0.24 -9.02
N PHE B 133 18.52 -0.65 -7.81
CA PHE B 133 17.89 -0.10 -6.61
C PHE B 133 18.29 1.36 -6.42
N GLU B 134 19.56 1.67 -6.69
CA GLU B 134 20.08 3.03 -6.55
C GLU B 134 19.37 4.03 -7.46
N ALA B 135 19.05 3.60 -8.68
CA ALA B 135 18.25 4.39 -9.59
C ALA B 135 16.89 4.77 -8.99
N LYS B 136 16.39 3.96 -8.05
CA LYS B 136 15.11 4.23 -7.41
C LYS B 136 15.23 4.65 -5.95
N ASP B 137 16.37 5.23 -5.60
CA ASP B 137 16.62 5.93 -4.35
C ASP B 137 16.75 4.99 -3.16
N LEU B 138 17.28 3.80 -3.44
CA LEU B 138 17.53 2.78 -2.41
C LEU B 138 18.96 2.27 -2.55
N ILE B 139 19.67 2.24 -1.44
CA ILE B 139 21.02 1.72 -1.44
C ILE B 139 21.02 0.29 -0.85
N ALA B 140 21.28 -0.72 -1.69
CA ALA B 140 21.27 -2.11 -1.26
C ALA B 140 22.60 -2.43 -0.57
N VAL B 141 22.54 -2.81 0.70
CA VAL B 141 23.77 -3.06 1.49
C VAL B 141 23.95 -4.53 1.93
N ALA B 142 22.90 -5.32 1.86
CA ALA B 142 22.99 -6.74 2.11
C ALA B 142 21.86 -7.49 1.39
N TYR B 143 22.12 -8.76 1.08
CA TYR B 143 21.11 -9.64 0.54
C TYR B 143 20.90 -10.77 1.54
N TYR B 144 19.65 -11.01 1.88
CA TYR B 144 19.26 -12.01 2.89
C TYR B 144 18.53 -13.18 2.24
N ASP B 145 18.53 -14.32 2.92
CA ASP B 145 17.88 -15.55 2.43
C ASP B 145 16.40 -15.65 2.78
N GLY B 146 15.61 -16.00 1.79
CA GLY B 146 14.20 -16.30 1.97
C GLY B 146 13.74 -17.68 1.57
N GLY B 147 14.68 -18.55 1.20
CA GLY B 147 14.31 -19.92 0.89
C GLY B 147 13.36 -19.98 -0.30
N SER B 148 12.61 -21.07 -0.39
CA SER B 148 11.65 -21.21 -1.44
C SER B 148 10.23 -21.12 -0.85
N ARG B 149 9.30 -20.75 -1.71
CA ARG B 149 7.91 -20.62 -1.34
C ARG B 149 7.06 -21.71 -2.01
N SER B 150 6.10 -22.17 -1.23
CA SER B 150 5.19 -23.25 -1.63
C SER B 150 3.75 -22.97 -1.23
N PHE B 151 2.81 -23.65 -1.87
CA PHE B 151 1.37 -23.41 -1.68
C PHE B 151 0.79 -24.05 -0.44
N TYR B 152 0.09 -23.26 0.38
CA TYR B 152 -0.74 -23.82 1.43
C TYR B 152 -2.17 -23.37 1.33
N ASN B 153 -3.10 -24.17 1.86
CA ASN B 153 -4.50 -23.83 1.75
C ASN B 153 -5.35 -24.56 2.79
N SER B 154 -6.60 -24.12 2.91
CA SER B 154 -7.51 -24.57 3.97
C SER B 154 -8.50 -25.64 3.48
N GLN B 155 -8.46 -25.90 2.18
CA GLN B 155 -9.51 -26.67 1.50
C GLN B 155 -9.19 -28.11 1.21
N LYS B 156 -8.07 -28.37 0.56
CA LYS B 156 -7.72 -29.74 0.19
C LYS B 156 -6.27 -29.87 -0.20
N PRO B 157 -5.77 -31.12 -0.21
CA PRO B 157 -4.37 -31.33 -0.63
C PRO B 157 -4.17 -30.96 -2.08
N ILE B 158 -3.01 -30.43 -2.40
CA ILE B 158 -2.64 -30.14 -3.78
C ILE B 158 -1.65 -31.18 -4.22
N THR B 159 -2.13 -32.10 -5.07
CA THR B 159 -1.32 -33.22 -5.54
C THR B 159 -0.87 -33.02 -6.97
N LYS B 160 -1.44 -32.04 -7.65
CA LYS B 160 -1.15 -31.78 -9.05
C LYS B 160 -1.69 -30.41 -9.39
N VAL B 161 -1.28 -29.88 -10.53
CA VAL B 161 -1.65 -28.52 -10.92
C VAL B 161 -3.16 -28.34 -11.02
N GLU B 162 -3.85 -29.40 -11.46
CA GLU B 162 -5.26 -29.32 -11.74
C GLU B 162 -6.04 -29.07 -10.47
N ASP B 163 -5.44 -29.43 -9.34
CA ASP B 163 -6.09 -29.22 -8.06
C ASP B 163 -6.22 -27.72 -7.71
N LEU B 164 -5.43 -26.87 -8.35
CA LEU B 164 -5.48 -25.44 -8.05
C LEU B 164 -6.65 -24.77 -8.76
N LYS B 165 -7.26 -25.48 -9.71
CA LYS B 165 -8.23 -24.90 -10.63
C LYS B 165 -9.29 -24.15 -9.87
N GLY B 166 -9.43 -22.87 -10.18
CA GLY B 166 -10.47 -22.05 -9.59
C GLY B 166 -10.26 -21.56 -8.18
N MSE B 167 -9.19 -21.96 -7.50
CA MSE B 167 -8.99 -21.55 -6.11
C MSE B 167 -8.50 -20.10 -5.99
O MSE B 167 -7.89 -19.55 -6.91
CB MSE B 167 -8.01 -22.50 -5.44
CG MSE B 167 -8.58 -23.92 -5.34
SE MSE B 167 -7.38 -25.13 -4.38
CE MSE B 167 -7.53 -24.50 -2.57
N LYS B 168 -8.77 -19.49 -4.84
CA LYS B 168 -8.32 -18.14 -4.59
C LYS B 168 -7.08 -18.16 -3.70
N PHE B 169 -5.93 -17.74 -4.26
CA PHE B 169 -4.67 -17.64 -3.49
C PHE B 169 -4.18 -16.21 -3.35
N ARG B 170 -3.79 -15.84 -2.13
CA ARG B 170 -3.15 -14.55 -1.94
C ARG B 170 -1.75 -14.68 -2.47
N VAL B 171 -1.30 -13.62 -3.12
CA VAL B 171 0.12 -13.44 -3.50
C VAL B 171 0.63 -12.08 -3.03
N MSE B 172 1.95 -11.90 -3.02
CA MSE B 172 2.53 -10.59 -2.80
C MSE B 172 2.12 -9.62 -3.87
O MSE B 172 1.71 -10.03 -4.95
CB MSE B 172 4.06 -10.69 -2.72
CG MSE B 172 4.51 -11.43 -1.45
SE MSE B 172 6.48 -11.29 -1.29
CE MSE B 172 6.98 -12.68 -2.62
H MSE B 172 2.53 -12.52 -3.15
HA MSE B 172 2.21 -10.26 -1.94
N GLN B 173 2.28 -8.33 -3.58
CA GLN B 173 1.78 -7.28 -4.45
C GLN B 173 2.70 -6.94 -5.64
N SER B 174 2.89 -7.92 -6.51
CA SER B 174 3.59 -7.73 -7.78
C SER B 174 2.77 -8.39 -8.86
N ASP B 175 2.71 -7.77 -10.03
CA ASP B 175 1.90 -8.30 -11.12
C ASP B 175 2.33 -9.69 -11.57
N VAL B 176 3.63 -9.96 -11.49
CA VAL B 176 4.14 -11.24 -11.95
C VAL B 176 3.46 -12.38 -11.22
N PHE B 177 3.15 -12.21 -9.93
CA PHE B 177 2.52 -13.29 -9.17
C PHE B 177 1.05 -13.46 -9.53
N VAL B 178 0.40 -12.39 -9.97
CA VAL B 178 -0.97 -12.54 -10.46
C VAL B 178 -0.97 -13.40 -11.73
N ASP B 179 -0.01 -13.14 -12.60
CA ASP B 179 0.08 -13.91 -13.85
C ASP B 179 0.49 -15.34 -13.59
N MSE B 180 1.34 -15.54 -12.58
N MSE B 180 1.32 -15.53 -12.57
CA MSE B 180 1.70 -16.88 -12.12
CA MSE B 180 1.69 -16.84 -12.10
C MSE B 180 0.48 -17.71 -11.74
C MSE B 180 0.49 -17.71 -11.73
O MSE B 180 0.36 -18.88 -12.15
O MSE B 180 0.40 -18.87 -12.14
CB MSE B 180 2.65 -16.79 -10.91
CB MSE B 180 2.61 -16.68 -10.91
CG MSE B 180 2.92 -18.14 -10.23
CG MSE B 180 3.76 -17.64 -10.90
SE MSE B 180 4.13 -18.00 -8.67
SE MSE B 180 4.92 -17.01 -9.48
CE MSE B 180 2.78 -17.37 -7.35
CE MSE B 180 5.44 -15.30 -10.24
H MSE B 180 1.73 -14.91 -12.15
H MSE B 180 1.67 -14.88 -12.13
HA MSE B 180 2.17 -17.33 -12.83
HA MSE B 180 2.19 -17.29 -12.82
N MSE B 181 -0.43 -17.15 -10.95
CA MSE B 181 -1.61 -17.90 -10.55
C MSE B 181 -2.51 -18.17 -11.75
O MSE B 181 -3.08 -19.27 -11.87
CB MSE B 181 -2.40 -17.15 -9.47
CG MSE B 181 -1.64 -16.91 -8.18
SE MSE B 181 -0.88 -18.56 -7.45
CE MSE B 181 -2.33 -19.82 -7.63
H MSE B 181 -0.39 -16.35 -10.66
HA MSE B 181 -1.33 -18.74 -10.16
N SER B 182 -2.64 -17.19 -12.63
CA SER B 182 -3.48 -17.36 -13.82
C SER B 182 -2.98 -18.50 -14.71
N ALA B 183 -1.66 -18.56 -14.87
CA ALA B 183 -1.01 -19.65 -15.60
C ALA B 183 -1.27 -21.03 -14.98
N LEU B 184 -1.54 -21.08 -13.68
CA LEU B 184 -1.86 -22.33 -13.01
C LEU B 184 -3.39 -22.57 -12.96
N GLY B 185 -4.16 -21.72 -13.62
CA GLY B 185 -5.61 -21.82 -13.65
C GLY B 185 -6.29 -21.42 -12.36
N ALA B 186 -5.62 -20.58 -11.57
CA ALA B 186 -6.17 -20.13 -10.29
C ALA B 186 -6.34 -18.64 -10.28
N ASN B 187 -6.84 -18.13 -9.17
CA ASN B 187 -7.18 -16.73 -9.05
C ASN B 187 -6.35 -16.08 -7.95
N ALA B 188 -5.54 -15.11 -8.34
CA ALA B 188 -4.64 -14.44 -7.43
C ALA B 188 -5.36 -13.29 -6.76
N THR B 189 -5.02 -13.02 -5.50
CA THR B 189 -5.42 -11.79 -4.86
C THR B 189 -4.21 -11.15 -4.17
N PRO B 190 -3.62 -10.12 -4.77
CA PRO B 190 -2.51 -9.44 -4.11
C PRO B 190 -3.00 -8.75 -2.87
N MSE B 191 -2.27 -8.93 -1.77
CA MSE B 191 -2.63 -8.29 -0.52
C MSE B 191 -1.42 -8.26 0.43
O MSE B 191 -0.56 -9.14 0.34
CB MSE B 191 -3.82 -9.04 0.09
CG MSE B 191 -3.56 -9.89 1.29
SE MSE B 191 -5.27 -10.80 1.86
CE MSE B 191 -6.10 -11.04 0.16
H MSE B 191 -1.57 -9.42 -1.73
HA MSE B 191 -2.91 -7.38 -0.70
N PRO B 192 -1.37 -7.26 1.32
CA PRO B 192 -0.28 -7.20 2.30
C PRO B 192 -0.26 -8.44 3.20
N TYR B 193 0.94 -8.79 3.65
CA TYR B 193 1.20 -9.98 4.43
C TYR B 193 0.38 -10.06 5.70
N GLY B 194 0.21 -8.92 6.38
CA GLY B 194 -0.50 -8.88 7.65
C GLY B 194 -1.98 -9.25 7.56
N GLU B 195 -2.57 -9.17 6.37
CA GLU B 195 -4.01 -9.36 6.20
C GLU B 195 -4.35 -10.79 5.81
N VAL B 196 -3.33 -11.60 5.56
CA VAL B 196 -3.54 -12.96 5.07
C VAL B 196 -4.23 -13.90 6.07
N TYR B 197 -3.80 -13.88 7.32
CA TYR B 197 -4.33 -14.81 8.33
C TYR B 197 -5.84 -14.68 8.42
N SER B 198 -6.33 -13.45 8.58
CA SER B 198 -7.78 -13.25 8.71
C SER B 198 -8.50 -13.66 7.45
N SER B 199 -7.93 -13.34 6.29
CA SER B 199 -8.57 -13.68 5.05
C SER B 199 -8.72 -15.18 4.85
N ILE B 200 -7.71 -15.96 5.26
CA ILE B 200 -7.82 -17.40 5.16
C ILE B 200 -8.86 -17.88 6.19
N GLN B 201 -8.77 -17.33 7.40
CA GLN B 201 -9.65 -17.78 8.48
C GLN B 201 -11.13 -17.64 8.14
N THR B 202 -11.52 -16.55 7.49
CA THR B 202 -12.93 -16.31 7.19
C THR B 202 -13.34 -16.82 5.81
N GLY B 203 -12.42 -17.44 5.08
CA GLY B 203 -12.73 -18.08 3.82
C GLY B 203 -12.81 -17.13 2.64
N VAL B 204 -12.41 -15.88 2.84
CA VAL B 204 -12.33 -14.92 1.75
C VAL B 204 -11.34 -15.39 0.67
N ILE B 205 -10.28 -16.06 1.10
CA ILE B 205 -9.38 -16.74 0.20
C ILE B 205 -9.17 -18.17 0.67
N ASP B 206 -8.68 -19.01 -0.22
CA ASP B 206 -8.43 -20.41 0.10
C ASP B 206 -7.04 -20.65 0.70
N GLY B 207 -6.09 -19.79 0.38
CA GLY B 207 -4.73 -20.01 0.83
C GLY B 207 -3.73 -18.98 0.37
N ALA B 208 -2.45 -19.28 0.53
CA ALA B 208 -1.39 -18.39 0.12
C ALA B 208 -0.14 -19.23 -0.15
N GLU B 209 1.02 -18.60 -0.24
CA GLU B 209 2.23 -19.35 -0.49
C GLU B 209 3.40 -18.67 0.23
N ASN B 210 4.25 -19.49 0.83
CA ASN B 210 5.41 -18.94 1.50
C ASN B 210 6.39 -20.00 1.95
N ASN B 211 7.50 -19.54 2.52
CA ASN B 211 8.53 -20.45 3.06
C ASN B 211 8.11 -21.01 4.41
N TRP B 212 8.89 -21.95 4.98
CA TRP B 212 8.50 -22.57 6.23
C TRP B 212 8.47 -21.57 7.39
N PRO B 213 9.51 -20.73 7.54
CA PRO B 213 9.46 -19.85 8.72
C PRO B 213 8.30 -18.85 8.70
N SER B 214 7.89 -18.37 7.52
CA SER B 214 6.72 -17.50 7.36
C SER B 214 5.40 -18.21 7.64
N TYR B 215 5.25 -19.39 7.05
CA TYR B 215 4.07 -20.22 7.25
C TYR B 215 3.84 -20.47 8.75
N ASP B 216 4.94 -20.68 9.45
CA ASP B 216 4.97 -20.86 10.91
C ASP B 216 4.70 -19.53 11.66
N SER B 217 5.56 -18.53 11.50
CA SER B 217 5.49 -17.34 12.39
C SER B 217 4.23 -16.53 12.17
N SER B 218 3.71 -16.54 10.95
CA SER B 218 2.48 -15.81 10.64
C SER B 218 1.23 -16.41 11.25
N GLY B 219 1.34 -17.67 11.67
CA GLY B 219 0.19 -18.44 12.11
C GLY B 219 -0.64 -19.07 11.00
N HIS B 220 -0.22 -18.93 9.75
CA HIS B 220 -1.05 -19.41 8.66
C HIS B 220 -1.23 -20.92 8.73
N PHE B 221 -0.27 -21.65 9.31
CA PHE B 221 -0.42 -23.11 9.41
C PHE B 221 -1.61 -23.50 10.29
N GLU B 222 -2.06 -22.59 11.14
CA GLU B 222 -3.19 -22.88 12.02
C GLU B 222 -4.52 -22.87 11.28
N VAL B 223 -4.58 -22.11 10.18
CA VAL B 223 -5.83 -21.93 9.46
C VAL B 223 -5.75 -22.52 8.05
N ALA B 224 -4.56 -22.95 7.65
CA ALA B 224 -4.39 -23.57 6.33
C ALA B 224 -3.46 -24.76 6.50
N LYS B 225 -4.03 -25.94 6.72
CA LYS B 225 -3.21 -27.06 7.19
C LYS B 225 -2.58 -27.89 6.08
N TYR B 226 -3.01 -27.67 4.84
CA TYR B 226 -2.46 -28.36 3.69
C TYR B 226 -1.30 -27.57 3.08
N TYR B 227 -0.19 -28.25 2.82
CA TYR B 227 1.03 -27.62 2.34
C TYR B 227 1.68 -28.53 1.31
N THR B 228 1.90 -28.03 0.11
CA THR B 228 2.51 -28.80 -0.94
C THR B 228 3.81 -28.13 -1.37
N LEU B 229 4.91 -28.86 -1.32
CA LEU B 229 6.21 -28.29 -1.61
C LEU B 229 6.54 -28.19 -3.06
N ASP B 230 5.78 -27.39 -3.80
CA ASP B 230 6.07 -27.21 -5.22
C ASP B 230 7.25 -26.30 -5.44
N GLN B 231 7.61 -25.51 -4.42
CA GLN B 231 8.79 -24.65 -4.46
C GLN B 231 8.88 -23.82 -5.74
N HIS B 232 7.78 -23.14 -6.05
CA HIS B 232 7.67 -22.35 -7.27
C HIS B 232 8.42 -21.04 -7.30
N LEU B 233 8.83 -20.54 -6.13
CA LEU B 233 9.55 -19.28 -6.04
C LEU B 233 10.70 -19.35 -5.07
N MSE B 234 11.76 -18.62 -5.40
CA MSE B 234 12.84 -18.25 -4.49
C MSE B 234 13.05 -16.80 -4.73
O MSE B 234 13.70 -16.41 -5.69
CB MSE B 234 14.11 -19.06 -4.77
CG MSE B 234 13.87 -20.52 -4.64
SE MSE B 234 15.66 -21.42 -4.58
CE MSE B 234 16.35 -20.55 -2.96
H MSE B 234 11.88 -18.31 -6.20
HA MSE B 234 12.56 -18.41 -3.58
N VAL B 235 12.46 -15.98 -3.85
CA VAL B 235 12.45 -14.53 -4.04
C VAL B 235 13.57 -13.92 -3.19
N PRO B 236 14.53 -13.20 -3.82
CA PRO B 236 15.63 -12.61 -3.05
C PRO B 236 15.10 -11.57 -2.07
N GLU B 237 15.91 -11.25 -1.06
CA GLU B 237 15.55 -10.23 -0.08
C GLU B 237 16.75 -9.31 0.08
N LEU B 238 16.52 -8.07 0.49
CA LEU B 238 17.63 -7.14 0.72
C LEU B 238 17.39 -6.27 1.93
N VAL B 239 18.49 -5.73 2.45
CA VAL B 239 18.46 -4.59 3.36
C VAL B 239 18.81 -3.37 2.54
N ALA B 240 17.94 -2.37 2.56
CA ALA B 240 18.09 -1.17 1.72
C ALA B 240 18.07 0.06 2.60
N ILE B 241 19.03 0.95 2.37
CA ILE B 241 19.03 2.24 3.02
C ILE B 241 18.53 3.34 2.07
N SER B 242 17.74 4.24 2.63
CA SER B 242 17.28 5.42 1.90
C SER B 242 18.48 6.18 1.28
N LYS B 243 18.46 6.38 -0.02
CA LYS B 243 19.54 7.09 -0.67
C LYS B 243 19.60 8.54 -0.16
N ILE B 244 18.44 9.14 0.05
CA ILE B 244 18.37 10.48 0.65
C ILE B 244 19.15 10.53 1.96
N LYS B 245 18.91 9.56 2.84
CA LYS B 245 19.64 9.52 4.10
C LYS B 245 21.11 9.21 3.88
N TRP B 246 21.39 8.25 3.00
CA TRP B 246 22.76 7.81 2.72
C TRP B 246 23.64 8.98 2.23
N ASP B 247 23.13 9.73 1.25
CA ASP B 247 23.88 10.83 0.65
C ASP B 247 24.23 11.94 1.66
N ALA B 248 23.48 12.04 2.75
CA ALA B 248 23.74 13.03 3.79
C ALA B 248 24.81 12.58 4.78
N LEU B 249 25.28 11.34 4.62
CA LEU B 249 26.24 10.76 5.58
C LEU B 249 27.64 10.98 5.09
N SER B 250 28.58 11.05 6.03
CA SER B 250 29.99 11.07 5.68
C SER B 250 30.42 9.75 5.04
N PRO B 251 31.52 9.78 4.26
CA PRO B 251 32.04 8.53 3.69
C PRO B 251 32.44 7.52 4.76
N GLU B 252 32.85 8.03 5.92
CA GLU B 252 33.27 7.17 7.02
C GLU B 252 32.07 6.41 7.54
N ASP B 253 30.93 7.10 7.66
CA ASP B 253 29.72 6.48 8.16
C ASP B 253 29.15 5.53 7.12
N GLN B 254 29.26 5.88 5.84
CA GLN B 254 28.83 4.97 4.78
C GLN B 254 29.61 3.67 4.86
N GLN B 255 30.90 3.78 5.10
CA GLN B 255 31.79 2.60 5.09
C GLN B 255 31.45 1.71 6.30
N VAL B 256 31.16 2.30 7.45
CA VAL B 256 30.74 1.52 8.60
C VAL B 256 29.44 0.76 8.32
N LEU B 257 28.49 1.43 7.68
CA LEU B 257 27.19 0.83 7.46
C LEU B 257 27.30 -0.33 6.50
N ARG B 258 28.08 -0.15 5.45
CA ARG B 258 28.23 -1.21 4.47
C ARG B 258 28.92 -2.40 5.09
N GLN B 259 29.91 -2.15 5.94
CA GLN B 259 30.66 -3.21 6.58
C GLN B 259 29.77 -4.00 7.55
N ALA B 260 28.99 -3.29 8.35
CA ALA B 260 28.10 -3.96 9.30
C ALA B 260 27.05 -4.77 8.58
N ALA B 261 26.56 -4.21 7.49
CA ALA B 261 25.54 -4.88 6.69
C ALA B 261 26.11 -6.18 6.11
N GLU B 262 27.31 -6.14 5.55
CA GLU B 262 27.89 -7.34 4.98
C GLU B 262 28.17 -8.39 6.03
N GLU B 263 28.66 -7.96 7.18
CA GLU B 263 28.86 -8.89 8.27
C GLU B 263 27.57 -9.54 8.75
N SER B 264 26.43 -8.87 8.60
CA SER B 264 25.16 -9.41 9.05
C SER B 264 24.67 -10.51 8.12
N GLU B 265 25.20 -10.58 6.89
CA GLU B 265 24.75 -11.63 5.97
C GLU B 265 24.98 -13.06 6.46
N PRO B 266 26.21 -13.42 6.90
CA PRO B 266 26.34 -14.79 7.42
C PRO B 266 25.52 -15.05 8.68
N VAL B 267 25.26 -14.01 9.47
CA VAL B 267 24.39 -14.17 10.62
C VAL B 267 22.98 -14.56 10.16
N GLN B 268 22.41 -13.79 9.26
CA GLN B 268 21.04 -14.08 8.82
C GLN B 268 20.95 -15.41 8.11
N ARG B 269 21.92 -15.71 7.24
CA ARG B 269 21.88 -16.98 6.50
C ARG B 269 21.94 -18.23 7.36
N LYS B 270 22.73 -18.18 8.44
CA LYS B 270 22.87 -19.32 9.31
C LYS B 270 21.63 -19.43 10.16
N LEU B 271 21.13 -18.31 10.70
CA LEU B 271 19.89 -18.37 11.51
C LEU B 271 18.73 -18.81 10.63
N TRP B 272 18.79 -18.44 9.36
CA TRP B 272 17.73 -18.84 8.43
C TRP B 272 17.69 -20.36 8.27
N ALA B 273 18.85 -20.96 8.02
CA ALA B 273 18.92 -22.39 7.83
C ALA B 273 18.38 -23.09 9.06
N GLU B 274 18.78 -22.61 10.22
CA GLU B 274 18.27 -23.15 11.48
C GLU B 274 16.77 -23.02 11.64
N GLN B 275 16.23 -21.84 11.32
CA GLN B 275 14.80 -21.62 11.46
C GLN B 275 13.99 -22.42 10.44
N GLU B 276 14.52 -22.62 9.23
CA GLU B 276 13.82 -23.48 8.25
C GLU B 276 13.52 -24.85 8.86
N LYS B 277 14.52 -25.41 9.51
CA LYS B 277 14.39 -26.74 10.12
C LYS B 277 13.44 -26.74 11.32
N ALA B 278 13.59 -25.75 12.19
CA ALA B 278 12.78 -25.62 13.40
C ALA B 278 11.30 -25.40 13.08
N SER B 279 11.04 -24.58 12.06
CA SER B 279 9.67 -24.28 11.65
C SER B 279 9.00 -25.49 10.98
N GLU B 280 9.74 -26.21 10.14
CA GLU B 280 9.19 -27.39 9.51
C GLU B 280 8.78 -28.37 10.60
N GLU B 281 9.71 -28.60 11.54
CA GLU B 281 9.45 -29.56 12.61
C GLU B 281 8.24 -29.12 13.42
N LYS B 282 8.17 -27.84 13.79
CA LYS B 282 7.02 -27.34 14.55
C LYS B 282 5.67 -27.45 13.84
N VAL B 283 5.59 -27.11 12.56
CA VAL B 283 4.28 -27.11 11.93
C VAL B 283 3.84 -28.55 11.63
N VAL B 284 4.79 -29.40 11.26
CA VAL B 284 4.46 -30.80 11.03
C VAL B 284 3.92 -31.42 12.33
N ALA B 285 4.55 -31.10 13.47
CA ALA B 285 4.12 -31.65 14.77
C ALA B 285 2.76 -31.15 15.20
N SER B 286 2.33 -30.03 14.62
CA SER B 286 1.02 -29.45 14.95
C SER B 286 -0.09 -30.08 14.10
N GLY B 287 0.30 -30.91 13.13
CA GLY B 287 -0.67 -31.63 12.33
C GLY B 287 -0.81 -31.20 10.86
N ALA B 288 0.08 -30.34 10.39
CA ALA B 288 0.07 -29.96 8.98
C ALA B 288 0.19 -31.17 8.10
N GLU B 289 -0.56 -31.18 7.01
CA GLU B 289 -0.50 -32.27 6.04
C GLU B 289 0.29 -31.83 4.82
N VAL B 290 1.49 -32.36 4.73
CA VAL B 290 2.45 -31.95 3.74
C VAL B 290 2.57 -32.96 2.60
N VAL B 291 2.49 -32.46 1.38
CA VAL B 291 2.87 -33.18 0.20
C VAL B 291 4.31 -32.81 -0.17
N ARG B 292 5.26 -33.71 0.08
CA ARG B 292 6.68 -33.35 -0.02
C ARG B 292 7.28 -33.63 -1.36
N GLU B 293 6.76 -34.67 -1.99
CA GLU B 293 7.29 -35.13 -3.25
C GLU B 293 6.19 -34.94 -4.28
N ILE B 294 6.42 -33.98 -5.15
CA ILE B 294 5.48 -33.67 -6.21
C ILE B 294 6.35 -33.47 -7.42
N ASP B 295 5.85 -33.93 -8.56
CA ASP B 295 6.52 -33.72 -9.83
C ASP B 295 6.29 -32.27 -10.23
N LYS B 296 7.37 -31.51 -10.31
CA LYS B 296 7.27 -30.07 -10.54
C LYS B 296 7.15 -29.73 -12.01
N THR B 297 7.46 -30.68 -12.87
CA THR B 297 7.50 -30.44 -14.32
C THR B 297 6.26 -29.72 -14.87
N PRO B 298 5.04 -30.18 -14.56
CA PRO B 298 3.86 -29.46 -15.04
C PRO B 298 3.73 -28.03 -14.47
N PHE B 299 4.19 -27.82 -13.24
CA PHE B 299 4.18 -26.47 -12.67
C PHE B 299 5.15 -25.58 -13.41
N ILE B 300 6.34 -26.09 -13.71
CA ILE B 300 7.36 -25.34 -14.41
C ILE B 300 6.89 -25.00 -15.84
N GLU B 301 6.32 -25.99 -16.53
CA GLU B 301 5.84 -25.80 -17.91
C GLU B 301 4.76 -24.75 -17.99
N ALA B 302 3.89 -24.70 -16.99
CA ALA B 302 2.85 -23.69 -16.98
C ALA B 302 3.38 -22.25 -17.01
N MSE B 303 4.64 -22.01 -16.62
CA MSE B 303 5.13 -20.64 -16.49
C MSE B 303 5.67 -20.01 -17.78
O MSE B 303 6.10 -18.86 -17.77
CB MSE B 303 6.24 -20.57 -15.43
CG MSE B 303 5.84 -21.17 -14.12
SE MSE B 303 4.21 -20.30 -13.36
CE MSE B 303 4.24 -21.24 -11.59
H MSE B 303 5.21 -22.62 -16.43
HA MSE B 303 4.40 -20.09 -16.17
N ALA B 304 5.62 -20.72 -18.89
CA ALA B 304 6.15 -20.17 -20.13
C ALA B 304 5.59 -18.79 -20.44
N PRO B 305 4.26 -18.64 -20.40
CA PRO B 305 3.68 -17.33 -20.68
C PRO B 305 4.15 -16.25 -19.72
N VAL B 306 4.51 -16.61 -18.50
CA VAL B 306 4.88 -15.59 -17.53
C VAL B 306 6.24 -14.98 -17.90
N TYR B 307 7.18 -15.83 -18.28
CA TYR B 307 8.49 -15.35 -18.71
C TYR B 307 8.39 -14.46 -19.95
N GLU B 308 7.54 -14.85 -20.89
CA GLU B 308 7.33 -14.04 -22.10
C GLU B 308 6.82 -12.66 -21.75
N LYS B 309 5.94 -12.60 -20.76
CA LYS B 309 5.34 -11.32 -20.39
C LYS B 309 6.30 -10.39 -19.69
N TYR B 310 7.20 -10.90 -18.84
CA TYR B 310 7.98 -10.02 -17.97
C TYR B 310 9.43 -9.85 -18.45
N VAL B 311 9.90 -10.72 -19.33
CA VAL B 311 11.19 -10.47 -19.97
C VAL B 311 10.95 -9.60 -21.21
N THR B 312 11.00 -8.29 -21.01
CA THR B 312 10.51 -7.30 -21.97
C THR B 312 11.62 -6.51 -22.67
N LYS B 313 12.87 -6.81 -22.35
CA LYS B 313 14.03 -6.03 -22.77
C LYS B 313 15.16 -7.00 -22.98
N SER B 314 16.08 -6.67 -23.90
CA SER B 314 17.23 -7.51 -24.14
C SER B 314 18.12 -7.55 -22.90
N GLU B 315 18.14 -6.45 -22.16
CA GLU B 315 18.84 -6.36 -20.88
C GLU B 315 18.32 -7.39 -19.89
N TYR B 316 17.01 -7.50 -19.77
CA TYR B 316 16.42 -8.51 -18.89
C TYR B 316 16.66 -9.92 -19.38
N GLN B 317 16.56 -10.13 -20.70
CA GLN B 317 16.88 -11.45 -21.27
C GLN B 317 18.31 -11.88 -20.96
N ASP B 318 19.24 -10.93 -21.05
CA ASP B 318 20.65 -11.22 -20.78
C ASP B 318 20.84 -11.55 -19.30
N LEU B 319 20.14 -10.81 -18.46
CA LEU B 319 20.25 -11.01 -17.03
C LEU B 319 19.75 -12.39 -16.67
N VAL B 320 18.59 -12.77 -17.21
CA VAL B 320 18.03 -14.09 -16.96
C VAL B 320 18.98 -15.19 -17.45
N LYS B 321 19.59 -14.99 -18.62
CA LYS B 321 20.53 -15.96 -19.13
C LYS B 321 21.74 -16.15 -18.22
N ARG B 322 22.33 -15.04 -17.78
CA ARG B 322 23.50 -15.08 -16.90
C ARG B 322 23.18 -15.69 -15.55
N ILE B 323 21.94 -15.56 -15.12
CA ILE B 323 21.51 -16.19 -13.88
C ILE B 323 21.52 -17.72 -14.08
N GLN B 324 20.95 -18.17 -15.20
CA GLN B 324 20.92 -19.60 -15.49
C GLN B 324 22.32 -20.18 -15.67
N GLU B 325 23.23 -19.38 -16.18
CA GLU B 325 24.59 -19.82 -16.42
C GLU B 325 25.44 -19.83 -15.16
N THR B 326 24.95 -19.22 -14.09
CA THR B 326 25.68 -19.16 -12.84
C THR B 326 25.66 -20.52 -12.14
N GLN B 327 26.83 -20.99 -11.72
CA GLN B 327 27.00 -22.21 -10.91
C GLN B 327 26.17 -22.22 -9.65
C1 BDP C . -9.81 11.90 4.27
C2 BDP C . -10.53 10.96 3.34
C3 BDP C . -10.01 9.58 3.46
C4 BDP C . -8.53 9.54 3.23
C5 BDP C . -7.83 10.50 4.18
C6 BDP C . -6.34 10.59 3.93
O2 BDP C . -11.94 11.01 3.66
O3 BDP C . -10.62 8.70 2.52
O4 BDP C . -8.05 8.21 3.49
O5 BDP C . -8.36 11.84 3.99
O6A BDP C . -5.75 11.71 4.10
O1 BDP C . -10.21 13.23 4.13
O6B BDP C . -5.73 9.55 3.56
H1 BDP C . -9.97 11.61 5.19
H2 BDP C . -10.40 11.26 2.42
H3 BDP C . -10.19 9.25 4.36
H4 BDP C . -8.34 9.78 2.31
H5 BDP C . -7.87 10.25 5.11
HO2 BDP C . -12.06 11.56 4.34
HO3 BDP C . -11.39 8.41 2.84
HO4 BDP C . -7.16 8.19 3.42
HO1 BDP C . -9.70 13.75 4.65
P PO4 D . -15.26 23.33 3.45
O1 PO4 D . -14.41 22.26 4.11
O2 PO4 D . -15.62 24.35 4.51
O3 PO4 D . -14.50 24.01 2.33
O4 PO4 D . -16.52 22.73 2.86
P PO4 E . -20.09 28.71 -6.31
O1 PO4 E . -18.73 29.23 -6.74
O2 PO4 E . -20.07 28.43 -4.83
O3 PO4 E . -20.43 27.45 -7.07
O4 PO4 E . -21.13 29.75 -6.61
C1 BDP F . 8.20 -13.49 3.41
C2 BDP F . 9.15 -12.33 3.27
C3 BDP F . 8.47 -11.09 3.71
C4 BDP F . 7.22 -10.83 2.90
C5 BDP F . 6.30 -12.05 2.98
C6 BDP F . 5.04 -11.92 2.14
O2 BDP F . 10.31 -12.62 4.08
O3 BDP F . 9.36 -9.99 3.51
O4 BDP F . 6.53 -9.68 3.39
O5 BDP F . 7.02 -13.24 2.55
O6A BDP F . 4.52 -10.79 1.93
O1 BDP F . 8.76 -14.65 2.92
O6B BDP F . 4.53 -12.96 1.62
H1 BDP F . 7.93 -13.60 4.33
H2 BDP F . 9.43 -12.24 2.34
H3 BDP F . 8.23 -11.15 4.65
H4 BDP F . 7.47 -10.68 1.96
H5 BDP F . 5.92 -12.20 3.86
HO2 BDP F . 11.04 -12.40 3.63
HO3 BDP F . 9.69 -10.01 2.68
HO4 BDP F . 6.59 -9.03 2.79
HO1 BDP F . 8.11 -15.26 2.81
P PO4 G . 14.11 -24.06 0.95
O1 PO4 G . 15.57 -23.76 1.23
O2 PO4 G . 13.25 -22.89 1.36
O3 PO4 G . 13.98 -24.36 -0.53
O4 PO4 G . 13.62 -25.26 1.74
P PO4 H . 23.20 -25.84 -7.83
O1 PO4 H . 24.34 -26.81 -8.00
O2 PO4 H . 23.38 -25.10 -6.52
O3 PO4 H . 23.21 -24.84 -8.97
O4 PO4 H . 21.89 -26.60 -7.82
#